data_6SX1
# 
_entry.id   6SX1 
# 
_audit_conform.dict_name       mmcif_pdbx.dic 
_audit_conform.dict_version    5.394 
_audit_conform.dict_location   http://mmcif.pdb.org/dictionaries/ascii/mmcif_pdbx.dic 
# 
loop_
_database_2.database_id 
_database_2.database_code 
_database_2.pdbx_database_accession 
_database_2.pdbx_DOI 
PDB   6SX1         pdb_00006sx1 10.2210/pdb6sx1/pdb 
WWPDB D_1292104016 ?            ?                   
# 
loop_
_pdbx_audit_revision_history.ordinal 
_pdbx_audit_revision_history.data_content_type 
_pdbx_audit_revision_history.major_revision 
_pdbx_audit_revision_history.minor_revision 
_pdbx_audit_revision_history.revision_date 
1 'Structure model' 1 0 2019-12-18 
2 'Structure model' 1 1 2022-12-21 
3 'Structure model' 1 2 2024-06-19 
# 
_pdbx_audit_revision_details.ordinal             1 
_pdbx_audit_revision_details.revision_ordinal    1 
_pdbx_audit_revision_details.data_content_type   'Structure model' 
_pdbx_audit_revision_details.provider            repository 
_pdbx_audit_revision_details.type                'Initial release' 
_pdbx_audit_revision_details.description         ? 
_pdbx_audit_revision_details.details             ? 
# 
loop_
_pdbx_audit_revision_group.ordinal 
_pdbx_audit_revision_group.revision_ordinal 
_pdbx_audit_revision_group.data_content_type 
_pdbx_audit_revision_group.group 
1 2 'Structure model' 'Database references' 
2 3 'Structure model' 'Data collection'     
# 
loop_
_pdbx_audit_revision_category.ordinal 
_pdbx_audit_revision_category.revision_ordinal 
_pdbx_audit_revision_category.data_content_type 
_pdbx_audit_revision_category.category 
1 2 'Structure model' citation       
2 2 'Structure model' database_2     
3 3 'Structure model' chem_comp_atom 
4 3 'Structure model' chem_comp_bond 
# 
loop_
_pdbx_audit_revision_item.ordinal 
_pdbx_audit_revision_item.revision_ordinal 
_pdbx_audit_revision_item.data_content_type 
_pdbx_audit_revision_item.item 
1 2 'Structure model' '_citation.journal_volume'            
2 2 'Structure model' '_citation.page_first'                
3 2 'Structure model' '_citation.page_last'                 
4 2 'Structure model' '_database_2.pdbx_DOI'                
5 2 'Structure model' '_database_2.pdbx_database_accession' 
# 
_pdbx_database_status.status_code                     REL 
_pdbx_database_status.status_code_sf                  REL 
_pdbx_database_status.status_code_mr                  ? 
_pdbx_database_status.entry_id                        6SX1 
_pdbx_database_status.recvd_initial_deposition_date   2019-09-24 
_pdbx_database_status.SG_entry                        N 
_pdbx_database_status.deposit_site                    PDBE 
_pdbx_database_status.process_site                    PDBE 
_pdbx_database_status.status_code_cs                  ? 
_pdbx_database_status.methods_development_category    ? 
_pdbx_database_status.pdb_format_compatible           Y 
_pdbx_database_status.status_code_nmr_data            ? 
# 
loop_
_audit_author.name 
_audit_author.pdbx_ordinal 
_audit_author.identifier_ORCID 
'Cooper, R.E.M.'   1 0000-0001-7477-690X 
'Griffiths, S.C.'  2 0000-0002-9257-7354 
'Turkenburg, J.P.' 3 0000-0001-6992-6838 
'Bateman, A.'      4 0000-0002-6982-4660 
'Potts, J.R.'      5 0000-0002-1734-6425 
# 
_citation.abstract                  ? 
_citation.abstract_id_CAS           ? 
_citation.book_id_ISBN              ? 
_citation.book_publisher            ? 
_citation.book_publisher_city       ? 
_citation.book_title                ? 
_citation.coordinate_linkage        ? 
_citation.country                   US 
_citation.database_id_Medline       ? 
_citation.details                   ? 
_citation.id                        primary 
_citation.journal_abbrev            Proc.Natl.Acad.Sci.USA 
_citation.journal_id_ASTM           PNASA6 
_citation.journal_id_CSD            0040 
_citation.journal_id_ISSN           1091-6490 
_citation.journal_full              ? 
_citation.journal_issue             ? 
_citation.journal_volume            116 
_citation.language                  ? 
_citation.page_first                26540 
_citation.page_last                 26548 
_citation.title                     
'Defining the remarkable structural malleability of a bacterial surface protein Rib domain implicated in infection.' 
_citation.year                      2019 
_citation.database_id_CSD           ? 
_citation.pdbx_database_id_DOI      10.1073/pnas.1911776116 
_citation.pdbx_database_id_PubMed   31818940 
_citation.unpublished_flag          ? 
# 
loop_
_citation_author.citation_id 
_citation_author.name 
_citation_author.ordinal 
_citation_author.identifier_ORCID 
primary 'Whelan, F.'        1  0000-0002-0791-6850 
primary 'Lafita, A.'        2  ?                   
primary 'Griffiths, S.C.'   3  ?                   
primary 'Cooper, R.E.M.'    4  ?                   
primary 'Whittingham, J.L.' 5  ?                   
primary 'Turkenburg, J.P.'  6  ?                   
primary 'Manfield, I.W.'    7  ?                   
primary 'St John, A.N.'     8  ?                   
primary 'Paci, E.'          9  0000-0002-4891-2768 
primary 'Bateman, A.'       10 ?                   
primary 'Potts, J.R.'       11 0000-0002-1734-6425 
# 
loop_
_entity.id 
_entity.type 
_entity.src_method 
_entity.pdbx_description 
_entity.formula_weight 
_entity.pdbx_number_of_molecules 
_entity.pdbx_ec 
_entity.pdbx_mutation 
_entity.pdbx_fragment 
_entity.details 
1 polymer man 'Surface protein' 8728.398 1  ? ? ? 
;Rib Standard (residues 1269-1351) from Lactobacillus acidophilus, recombinantly overexpressed and purified using the pET_FPP1 vector in Escherichia coli
;
2 water   nat water             18.015   75 ? ? ? ? 
# 
_entity_poly.entity_id                      1 
_entity_poly.type                           'polypeptide(L)' 
_entity_poly.nstd_linkage                   no 
_entity_poly.nstd_monomer                   no 
_entity_poly.pdbx_seq_one_letter_code       
;GQTDADKYTPEAKDITVTPGPTPDPAEGIGNKDTLPSGTKYEWKDPVDTTTPGDKTGTIVVSYPDGSTDEIQVTVKVTDP
TTP
;
_entity_poly.pdbx_seq_one_letter_code_can   
;GQTDADKYTPEAKDITVTPGPTPDPAEGIGNKDTLPSGTKYEWKDPVDTTTPGDKTGTIVVSYPDGSTDEIQVTVKVTDP
TTP
;
_entity_poly.pdbx_strand_id                 A 
_entity_poly.pdbx_target_identifier         ? 
# 
_pdbx_entity_nonpoly.entity_id   2 
_pdbx_entity_nonpoly.name        water 
_pdbx_entity_nonpoly.comp_id     HOH 
# 
loop_
_entity_poly_seq.entity_id 
_entity_poly_seq.num 
_entity_poly_seq.mon_id 
_entity_poly_seq.hetero 
1 1  GLY n 
1 2  GLN n 
1 3  THR n 
1 4  ASP n 
1 5  ALA n 
1 6  ASP n 
1 7  LYS n 
1 8  TYR n 
1 9  THR n 
1 10 PRO n 
1 11 GLU n 
1 12 ALA n 
1 13 LYS n 
1 14 ASP n 
1 15 ILE n 
1 16 THR n 
1 17 VAL n 
1 18 THR n 
1 19 PRO n 
1 20 GLY n 
1 21 PRO n 
1 22 THR n 
1 23 PRO n 
1 24 ASP n 
1 25 PRO n 
1 26 ALA n 
1 27 GLU n 
1 28 GLY n 
1 29 ILE n 
1 30 GLY n 
1 31 ASN n 
1 32 LYS n 
1 33 ASP n 
1 34 THR n 
1 35 LEU n 
1 36 PRO n 
1 37 SER n 
1 38 GLY n 
1 39 THR n 
1 40 LYS n 
1 41 TYR n 
1 42 GLU n 
1 43 TRP n 
1 44 LYS n 
1 45 ASP n 
1 46 PRO n 
1 47 VAL n 
1 48 ASP n 
1 49 THR n 
1 50 THR n 
1 51 THR n 
1 52 PRO n 
1 53 GLY n 
1 54 ASP n 
1 55 LYS n 
1 56 THR n 
1 57 GLY n 
1 58 THR n 
1 59 ILE n 
1 60 VAL n 
1 61 VAL n 
1 62 SER n 
1 63 TYR n 
1 64 PRO n 
1 65 ASP n 
1 66 GLY n 
1 67 SER n 
1 68 THR n 
1 69 ASP n 
1 70 GLU n 
1 71 ILE n 
1 72 GLN n 
1 73 VAL n 
1 74 THR n 
1 75 VAL n 
1 76 LYS n 
1 77 VAL n 
1 78 THR n 
1 79 ASP n 
1 80 PRO n 
1 81 THR n 
1 82 THR n 
1 83 PRO n 
# 
_entity_src_gen.entity_id                          1 
_entity_src_gen.pdbx_src_id                        1 
_entity_src_gen.pdbx_alt_source_flag               sample 
_entity_src_gen.pdbx_seq_type                      'Biological sequence' 
_entity_src_gen.pdbx_beg_seq_num                   1 
_entity_src_gen.pdbx_end_seq_num                   83 
_entity_src_gen.gene_src_common_name               ? 
_entity_src_gen.gene_src_genus                     ? 
_entity_src_gen.pdbx_gene_src_gene                 LBA1633 
_entity_src_gen.gene_src_species                   ? 
_entity_src_gen.gene_src_strain                    'ATCC 700396 / NCK56 / N2 / NCFM' 
_entity_src_gen.gene_src_tissue                    ? 
_entity_src_gen.gene_src_tissue_fraction           ? 
_entity_src_gen.gene_src_details                   ? 
_entity_src_gen.pdbx_gene_src_fragment             ? 
_entity_src_gen.pdbx_gene_src_scientific_name      'Lactobacillus acidophilus (strain ATCC 700396 / NCK56 / N2 / NCFM)' 
_entity_src_gen.pdbx_gene_src_ncbi_taxonomy_id     272621 
_entity_src_gen.pdbx_gene_src_variant              ? 
_entity_src_gen.pdbx_gene_src_cell_line            ? 
_entity_src_gen.pdbx_gene_src_atcc                 ? 
_entity_src_gen.pdbx_gene_src_organ                ? 
_entity_src_gen.pdbx_gene_src_organelle            ? 
_entity_src_gen.pdbx_gene_src_cell                 ? 
_entity_src_gen.pdbx_gene_src_cellular_location    ? 
_entity_src_gen.host_org_common_name               ? 
_entity_src_gen.pdbx_host_org_scientific_name      'Escherichia coli BL21(DE3)' 
_entity_src_gen.pdbx_host_org_ncbi_taxonomy_id     469008 
_entity_src_gen.host_org_genus                     ? 
_entity_src_gen.pdbx_host_org_gene                 ? 
_entity_src_gen.pdbx_host_org_organ                ? 
_entity_src_gen.host_org_species                   ? 
_entity_src_gen.pdbx_host_org_tissue               ? 
_entity_src_gen.pdbx_host_org_tissue_fraction      ? 
_entity_src_gen.pdbx_host_org_strain               BL21 
_entity_src_gen.pdbx_host_org_variant              ? 
_entity_src_gen.pdbx_host_org_cell_line            ? 
_entity_src_gen.pdbx_host_org_atcc                 ? 
_entity_src_gen.pdbx_host_org_culture_collection   ? 
_entity_src_gen.pdbx_host_org_cell                 ? 
_entity_src_gen.pdbx_host_org_organelle            ? 
_entity_src_gen.pdbx_host_org_cellular_location    ? 
_entity_src_gen.pdbx_host_org_vector_type          ? 
_entity_src_gen.pdbx_host_org_vector               ? 
_entity_src_gen.host_org_details                   ? 
_entity_src_gen.expression_system_id               ? 
_entity_src_gen.plasmid_name                       pET_FPP1 
_entity_src_gen.plasmid_details                    ? 
_entity_src_gen.pdbx_description                   ? 
# 
loop_
_chem_comp.id 
_chem_comp.type 
_chem_comp.mon_nstd_flag 
_chem_comp.name 
_chem_comp.pdbx_synonyms 
_chem_comp.formula 
_chem_comp.formula_weight 
ALA 'L-peptide linking' y ALANINE         ? 'C3 H7 N O2'     89.093  
ASN 'L-peptide linking' y ASPARAGINE      ? 'C4 H8 N2 O3'    132.118 
ASP 'L-peptide linking' y 'ASPARTIC ACID' ? 'C4 H7 N O4'     133.103 
GLN 'L-peptide linking' y GLUTAMINE       ? 'C5 H10 N2 O3'   146.144 
GLU 'L-peptide linking' y 'GLUTAMIC ACID' ? 'C5 H9 N O4'     147.129 
GLY 'peptide linking'   y GLYCINE         ? 'C2 H5 N O2'     75.067  
HOH non-polymer         . WATER           ? 'H2 O'           18.015  
ILE 'L-peptide linking' y ISOLEUCINE      ? 'C6 H13 N O2'    131.173 
LEU 'L-peptide linking' y LEUCINE         ? 'C6 H13 N O2'    131.173 
LYS 'L-peptide linking' y LYSINE          ? 'C6 H15 N2 O2 1' 147.195 
PRO 'L-peptide linking' y PROLINE         ? 'C5 H9 N O2'     115.130 
SER 'L-peptide linking' y SERINE          ? 'C3 H7 N O3'     105.093 
THR 'L-peptide linking' y THREONINE       ? 'C4 H9 N O3'     119.119 
TRP 'L-peptide linking' y TRYPTOPHAN      ? 'C11 H12 N2 O2'  204.225 
TYR 'L-peptide linking' y TYROSINE        ? 'C9 H11 N O3'    181.189 
VAL 'L-peptide linking' y VALINE          ? 'C5 H11 N O2'    117.146 
# 
loop_
_pdbx_poly_seq_scheme.asym_id 
_pdbx_poly_seq_scheme.entity_id 
_pdbx_poly_seq_scheme.seq_id 
_pdbx_poly_seq_scheme.mon_id 
_pdbx_poly_seq_scheme.ndb_seq_num 
_pdbx_poly_seq_scheme.pdb_seq_num 
_pdbx_poly_seq_scheme.auth_seq_num 
_pdbx_poly_seq_scheme.pdb_mon_id 
_pdbx_poly_seq_scheme.auth_mon_id 
_pdbx_poly_seq_scheme.pdb_strand_id 
_pdbx_poly_seq_scheme.pdb_ins_code 
_pdbx_poly_seq_scheme.hetero 
A 1 1  GLY 1  1269 1269 GLY GLY A . n 
A 1 2  GLN 2  1270 1270 GLN GLN A . n 
A 1 3  THR 3  1271 1271 THR THR A . n 
A 1 4  ASP 4  1272 1272 ASP ASP A . n 
A 1 5  ALA 5  1273 1273 ALA ALA A . n 
A 1 6  ASP 6  1274 1274 ASP ASP A . n 
A 1 7  LYS 7  1275 1275 LYS LYS A . n 
A 1 8  TYR 8  1276 1276 TYR TYR A . n 
A 1 9  THR 9  1277 1277 THR THR A . n 
A 1 10 PRO 10 1278 1278 PRO PRO A . n 
A 1 11 GLU 11 1279 1279 GLU GLU A . n 
A 1 12 ALA 12 1280 1280 ALA ALA A . n 
A 1 13 LYS 13 1281 1281 LYS LYS A . n 
A 1 14 ASP 14 1282 1282 ASP ASP A . n 
A 1 15 ILE 15 1283 1283 ILE ILE A . n 
A 1 16 THR 16 1284 1284 THR THR A . n 
A 1 17 VAL 17 1285 1285 VAL VAL A . n 
A 1 18 THR 18 1286 1286 THR THR A . n 
A 1 19 PRO 19 1287 1287 PRO PRO A . n 
A 1 20 GLY 20 1288 1288 GLY GLY A . n 
A 1 21 PRO 21 1289 1289 PRO PRO A . n 
A 1 22 THR 22 1290 1290 THR THR A . n 
A 1 23 PRO 23 1291 1291 PRO PRO A . n 
A 1 24 ASP 24 1292 1292 ASP ASP A . n 
A 1 25 PRO 25 1293 1293 PRO PRO A . n 
A 1 26 ALA 26 1294 1294 ALA ALA A . n 
A 1 27 GLU 27 1295 1295 GLU GLU A . n 
A 1 28 GLY 28 1296 1296 GLY GLY A . n 
A 1 29 ILE 29 1297 1297 ILE ILE A . n 
A 1 30 GLY 30 1298 1298 GLY GLY A . n 
A 1 31 ASN 31 1299 1299 ASN ASN A . n 
A 1 32 LYS 32 1300 1300 LYS LYS A . n 
A 1 33 ASP 33 1301 1301 ASP ASP A . n 
A 1 34 THR 34 1302 1302 THR THR A . n 
A 1 35 LEU 35 1303 1303 LEU LEU A . n 
A 1 36 PRO 36 1304 1304 PRO PRO A . n 
A 1 37 SER 37 1305 1305 SER SER A . n 
A 1 38 GLY 38 1306 1306 GLY GLY A . n 
A 1 39 THR 39 1307 1307 THR THR A . n 
A 1 40 LYS 40 1308 1308 LYS LYS A . n 
A 1 41 TYR 41 1309 1309 TYR TYR A . n 
A 1 42 GLU 42 1310 1310 GLU GLU A . n 
A 1 43 TRP 43 1311 1311 TRP TRP A . n 
A 1 44 LYS 44 1312 1312 LYS LYS A . n 
A 1 45 ASP 45 1313 1313 ASP ASP A . n 
A 1 46 PRO 46 1314 1314 PRO PRO A . n 
A 1 47 VAL 47 1315 1315 VAL VAL A . n 
A 1 48 ASP 48 1316 1316 ASP ASP A . n 
A 1 49 THR 49 1317 1317 THR THR A . n 
A 1 50 THR 50 1318 1318 THR THR A . n 
A 1 51 THR 51 1319 1319 THR THR A . n 
A 1 52 PRO 52 1320 1320 PRO PRO A . n 
A 1 53 GLY 53 1321 1321 GLY GLY A . n 
A 1 54 ASP 54 1322 1322 ASP ASP A . n 
A 1 55 LYS 55 1323 1323 LYS LYS A . n 
A 1 56 THR 56 1324 1324 THR THR A . n 
A 1 57 GLY 57 1325 1325 GLY GLY A . n 
A 1 58 THR 58 1326 1326 THR THR A . n 
A 1 59 ILE 59 1327 1327 ILE ILE A . n 
A 1 60 VAL 60 1328 1328 VAL VAL A . n 
A 1 61 VAL 61 1329 1329 VAL VAL A . n 
A 1 62 SER 62 1330 1330 SER SER A . n 
A 1 63 TYR 63 1331 1331 TYR TYR A . n 
A 1 64 PRO 64 1332 1332 PRO PRO A . n 
A 1 65 ASP 65 1333 1333 ASP ASP A . n 
A 1 66 GLY 66 1334 1334 GLY GLY A . n 
A 1 67 SER 67 1335 1335 SER SER A . n 
A 1 68 THR 68 1336 1336 THR THR A . n 
A 1 69 ASP 69 1337 1337 ASP ASP A . n 
A 1 70 GLU 70 1338 1338 GLU GLU A . n 
A 1 71 ILE 71 1339 1339 ILE ILE A . n 
A 1 72 GLN 72 1340 1340 GLN GLN A . n 
A 1 73 VAL 73 1341 1341 VAL VAL A . n 
A 1 74 THR 74 1342 1342 THR THR A . n 
A 1 75 VAL 75 1343 1343 VAL VAL A . n 
A 1 76 LYS 76 1344 1344 LYS LYS A . n 
A 1 77 VAL 77 1345 1345 VAL VAL A . n 
A 1 78 THR 78 1346 1346 THR THR A . n 
A 1 79 ASP 79 1347 1347 ASP ASP A . n 
A 1 80 PRO 80 1348 ?    ?   ?   A . n 
A 1 81 THR 81 1349 ?    ?   ?   A . n 
A 1 82 THR 82 1350 ?    ?   ?   A . n 
A 1 83 PRO 83 1351 ?    ?   ?   A . n 
# 
loop_
_pdbx_nonpoly_scheme.asym_id 
_pdbx_nonpoly_scheme.entity_id 
_pdbx_nonpoly_scheme.mon_id 
_pdbx_nonpoly_scheme.ndb_seq_num 
_pdbx_nonpoly_scheme.pdb_seq_num 
_pdbx_nonpoly_scheme.auth_seq_num 
_pdbx_nonpoly_scheme.pdb_mon_id 
_pdbx_nonpoly_scheme.auth_mon_id 
_pdbx_nonpoly_scheme.pdb_strand_id 
_pdbx_nonpoly_scheme.pdb_ins_code 
B 2 HOH 1  1401 73 HOH HOH A . 
B 2 HOH 2  1402 66 HOH HOH A . 
B 2 HOH 3  1403 75 HOH HOH A . 
B 2 HOH 4  1404 9  HOH HOH A . 
B 2 HOH 5  1405 17 HOH HOH A . 
B 2 HOH 6  1406 43 HOH HOH A . 
B 2 HOH 7  1407 12 HOH HOH A . 
B 2 HOH 8  1408 83 HOH HOH A . 
B 2 HOH 9  1409 82 HOH HOH A . 
B 2 HOH 10 1410 50 HOH HOH A . 
B 2 HOH 11 1411 11 HOH HOH A . 
B 2 HOH 12 1412 78 HOH HOH A . 
B 2 HOH 13 1413 39 HOH HOH A . 
B 2 HOH 14 1414 32 HOH HOH A . 
B 2 HOH 15 1415 30 HOH HOH A . 
B 2 HOH 16 1416 56 HOH HOH A . 
B 2 HOH 17 1417 8  HOH HOH A . 
B 2 HOH 18 1418 5  HOH HOH A . 
B 2 HOH 19 1419 49 HOH HOH A . 
B 2 HOH 20 1420 7  HOH HOH A . 
B 2 HOH 21 1421 16 HOH HOH A . 
B 2 HOH 22 1422 53 HOH HOH A . 
B 2 HOH 23 1423 25 HOH HOH A . 
B 2 HOH 24 1424 58 HOH HOH A . 
B 2 HOH 25 1425 24 HOH HOH A . 
B 2 HOH 26 1426 20 HOH HOH A . 
B 2 HOH 27 1427 14 HOH HOH A . 
B 2 HOH 28 1428 65 HOH HOH A . 
B 2 HOH 29 1429 77 HOH HOH A . 
B 2 HOH 30 1430 55 HOH HOH A . 
B 2 HOH 31 1431 41 HOH HOH A . 
B 2 HOH 32 1432 54 HOH HOH A . 
B 2 HOH 33 1433 18 HOH HOH A . 
B 2 HOH 34 1434 31 HOH HOH A . 
B 2 HOH 35 1435 29 HOH HOH A . 
B 2 HOH 36 1436 33 HOH HOH A . 
B 2 HOH 37 1437 67 HOH HOH A . 
B 2 HOH 38 1438 13 HOH HOH A . 
B 2 HOH 39 1439 79 HOH HOH A . 
B 2 HOH 40 1440 70 HOH HOH A . 
B 2 HOH 41 1441 46 HOH HOH A . 
B 2 HOH 42 1442 21 HOH HOH A . 
B 2 HOH 43 1443 60 HOH HOH A . 
B 2 HOH 44 1444 47 HOH HOH A . 
B 2 HOH 45 1445 84 HOH HOH A . 
B 2 HOH 46 1446 4  HOH HOH A . 
B 2 HOH 47 1447 34 HOH HOH A . 
B 2 HOH 48 1448 42 HOH HOH A . 
B 2 HOH 49 1449 63 HOH HOH A . 
B 2 HOH 50 1450 19 HOH HOH A . 
B 2 HOH 51 1451 51 HOH HOH A . 
B 2 HOH 52 1452 3  HOH HOH A . 
B 2 HOH 53 1453 36 HOH HOH A . 
B 2 HOH 54 1454 23 HOH HOH A . 
B 2 HOH 55 1455 15 HOH HOH A . 
B 2 HOH 56 1456 81 HOH HOH A . 
B 2 HOH 57 1457 37 HOH HOH A . 
B 2 HOH 58 1458 45 HOH HOH A . 
B 2 HOH 59 1459 35 HOH HOH A . 
B 2 HOH 60 1460 6  HOH HOH A . 
B 2 HOH 61 1461 26 HOH HOH A . 
B 2 HOH 62 1462 22 HOH HOH A . 
B 2 HOH 63 1463 28 HOH HOH A . 
B 2 HOH 64 1464 1  HOH HOH A . 
B 2 HOH 65 1465 57 HOH HOH A . 
B 2 HOH 66 1466 2  HOH HOH A . 
B 2 HOH 67 1467 48 HOH HOH A . 
B 2 HOH 68 1468 68 HOH HOH A . 
B 2 HOH 69 1469 74 HOH HOH A . 
B 2 HOH 70 1470 61 HOH HOH A . 
B 2 HOH 71 1471 40 HOH HOH A . 
B 2 HOH 72 1472 71 HOH HOH A . 
B 2 HOH 73 1473 72 HOH HOH A . 
B 2 HOH 74 1474 80 HOH HOH A . 
B 2 HOH 75 1475 76 HOH HOH A . 
# 
loop_
_software.citation_id 
_software.classification 
_software.compiler_name 
_software.compiler_version 
_software.contact_author 
_software.contact_author_email 
_software.date 
_software.description 
_software.dependencies 
_software.hardware 
_software.language 
_software.location 
_software.mods 
_software.name 
_software.os 
_software.os_version 
_software.type 
_software.version 
_software.pdbx_ordinal 
? refinement       ? ? ? ? ? ? ? ? ? ? ? REFMAC  ? ? ? . 1 
? 'data reduction' ? ? ? ? ? ? ? ? ? ? ? xia2    ? ? ? . 2 
? 'data scaling'   ? ? ? ? ? ? ? ? ? ? ? Aimless ? ? ? . 3 
? phasing          ? ? ? ? ? ? ? ? ? ? ? PHASER  ? ? ? . 4 
# 
_cell.angle_alpha                  90.00 
_cell.angle_alpha_esd              ? 
_cell.angle_beta                   90.00 
_cell.angle_beta_esd               ? 
_cell.angle_gamma                  90.00 
_cell.angle_gamma_esd              ? 
_cell.entry_id                     6SX1 
_cell.details                      ? 
_cell.formula_units_Z              ? 
_cell.length_a                     30.183 
_cell.length_a_esd                 ? 
_cell.length_b                     32.644 
_cell.length_b_esd                 ? 
_cell.length_c                     62.811 
_cell.length_c_esd                 ? 
_cell.volume                       ? 
_cell.volume_esd                   ? 
_cell.Z_PDB                        4 
_cell.reciprocal_angle_alpha       ? 
_cell.reciprocal_angle_beta        ? 
_cell.reciprocal_angle_gamma       ? 
_cell.reciprocal_angle_alpha_esd   ? 
_cell.reciprocal_angle_beta_esd    ? 
_cell.reciprocal_angle_gamma_esd   ? 
_cell.reciprocal_length_a          ? 
_cell.reciprocal_length_b          ? 
_cell.reciprocal_length_c          ? 
_cell.reciprocal_length_a_esd      ? 
_cell.reciprocal_length_b_esd      ? 
_cell.reciprocal_length_c_esd      ? 
_cell.pdbx_unique_axis             ? 
# 
_symmetry.entry_id                         6SX1 
_symmetry.cell_setting                     ? 
_symmetry.Int_Tables_number                19 
_symmetry.space_group_name_Hall            ? 
_symmetry.space_group_name_H-M             'P 21 21 21' 
_symmetry.pdbx_full_space_group_name_H-M   ? 
# 
_exptl.absorpt_coefficient_mu     ? 
_exptl.absorpt_correction_T_max   ? 
_exptl.absorpt_correction_T_min   ? 
_exptl.absorpt_correction_type    ? 
_exptl.absorpt_process_details    ? 
_exptl.entry_id                   6SX1 
_exptl.crystals_number            1 
_exptl.details                    ? 
_exptl.method                     'X-RAY DIFFRACTION' 
_exptl.method_details             ? 
# 
_exptl_crystal.colour                      ? 
_exptl_crystal.density_diffrn              ? 
_exptl_crystal.density_Matthews            1.77 
_exptl_crystal.density_method              ? 
_exptl_crystal.density_percent_sol         30.61 
_exptl_crystal.description                 ? 
_exptl_crystal.F_000                       ? 
_exptl_crystal.id                          1 
_exptl_crystal.preparation                 ? 
_exptl_crystal.size_max                    ? 
_exptl_crystal.size_mid                    ? 
_exptl_crystal.size_min                    ? 
_exptl_crystal.size_rad                    ? 
_exptl_crystal.colour_lustre               ? 
_exptl_crystal.colour_modifier             ? 
_exptl_crystal.colour_primary              ? 
_exptl_crystal.density_meas                ? 
_exptl_crystal.density_meas_esd            ? 
_exptl_crystal.density_meas_gt             ? 
_exptl_crystal.density_meas_lt             ? 
_exptl_crystal.density_meas_temp           ? 
_exptl_crystal.density_meas_temp_esd       ? 
_exptl_crystal.density_meas_temp_gt        ? 
_exptl_crystal.density_meas_temp_lt        ? 
_exptl_crystal.pdbx_crystal_image_url      ? 
_exptl_crystal.pdbx_crystal_image_format   ? 
_exptl_crystal.pdbx_mosaicity              ? 
_exptl_crystal.pdbx_mosaicity_esd          ? 
# 
_exptl_crystal_grow.apparatus       ? 
_exptl_crystal_grow.atmosphere      ? 
_exptl_crystal_grow.crystal_id      1 
_exptl_crystal_grow.details         ? 
_exptl_crystal_grow.method          'VAPOR DIFFUSION, SITTING DROP' 
_exptl_crystal_grow.method_ref      ? 
_exptl_crystal_grow.pH              ? 
_exptl_crystal_grow.pressure        ? 
_exptl_crystal_grow.pressure_esd    ? 
_exptl_crystal_grow.seeding         ? 
_exptl_crystal_grow.seeding_ref     ? 
_exptl_crystal_grow.temp            293 
_exptl_crystal_grow.temp_details    ? 
_exptl_crystal_grow.temp_esd        ? 
_exptl_crystal_grow.time            ? 
_exptl_crystal_grow.pdbx_details    '2M ammonium sulphate, 2M sodium chloride' 
_exptl_crystal_grow.pdbx_pH_range   ? 
# 
_diffrn.ambient_environment              ? 
_diffrn.ambient_temp                     100 
_diffrn.ambient_temp_details             ? 
_diffrn.ambient_temp_esd                 ? 
_diffrn.crystal_id                       1 
_diffrn.crystal_support                  ? 
_diffrn.crystal_treatment                ? 
_diffrn.details                          ? 
_diffrn.id                               1 
_diffrn.ambient_pressure                 ? 
_diffrn.ambient_pressure_esd             ? 
_diffrn.ambient_pressure_gt              ? 
_diffrn.ambient_pressure_lt              ? 
_diffrn.ambient_temp_gt                  ? 
_diffrn.ambient_temp_lt                  ? 
_diffrn.pdbx_serial_crystal_experiment   N 
# 
_diffrn_detector.details                      ? 
_diffrn_detector.detector                     PIXEL 
_diffrn_detector.diffrn_id                    1 
_diffrn_detector.type                         'DECTRIS EIGER2 X 16M' 
_diffrn_detector.area_resol_mean              ? 
_diffrn_detector.dtime                        ? 
_diffrn_detector.pdbx_frames_total            ? 
_diffrn_detector.pdbx_collection_time_total   ? 
_diffrn_detector.pdbx_collection_date         2019-06-30 
_diffrn_detector.pdbx_frequency               ? 
# 
_diffrn_radiation.collimation                      ? 
_diffrn_radiation.diffrn_id                        1 
_diffrn_radiation.filter_edge                      ? 
_diffrn_radiation.inhomogeneity                    ? 
_diffrn_radiation.monochromator                    ? 
_diffrn_radiation.polarisn_norm                    ? 
_diffrn_radiation.polarisn_ratio                   ? 
_diffrn_radiation.probe                            ? 
_diffrn_radiation.type                             ? 
_diffrn_radiation.xray_symbol                      ? 
_diffrn_radiation.wavelength_id                    1 
_diffrn_radiation.pdbx_monochromatic_or_laue_m_l   M 
_diffrn_radiation.pdbx_wavelength_list             ? 
_diffrn_radiation.pdbx_wavelength                  ? 
_diffrn_radiation.pdbx_diffrn_protocol             'SINGLE WAVELENGTH' 
_diffrn_radiation.pdbx_analyzer                    ? 
_diffrn_radiation.pdbx_scattering_type             x-ray 
# 
_diffrn_radiation_wavelength.id           1 
_diffrn_radiation_wavelength.wavelength   0.9795 
_diffrn_radiation_wavelength.wt           1.0 
# 
_diffrn_source.current                     ? 
_diffrn_source.details                     ? 
_diffrn_source.diffrn_id                   1 
_diffrn_source.power                       ? 
_diffrn_source.size                        ? 
_diffrn_source.source                      SYNCHROTRON 
_diffrn_source.target                      ? 
_diffrn_source.type                        'DIAMOND BEAMLINE I04' 
_diffrn_source.voltage                     ? 
_diffrn_source.take-off_angle              ? 
_diffrn_source.pdbx_wavelength_list        0.9795 
_diffrn_source.pdbx_wavelength             ? 
_diffrn_source.pdbx_synchrotron_beamline   I04 
_diffrn_source.pdbx_synchrotron_site       Diamond 
# 
_reflns.B_iso_Wilson_estimate            ? 
_reflns.entry_id                         6SX1 
_reflns.data_reduction_details           ? 
_reflns.data_reduction_method            ? 
_reflns.d_resolution_high                1.25 
_reflns.d_resolution_low                 31.42 
_reflns.details                          ? 
_reflns.limit_h_max                      ? 
_reflns.limit_h_min                      ? 
_reflns.limit_k_max                      ? 
_reflns.limit_k_min                      ? 
_reflns.limit_l_max                      ? 
_reflns.limit_l_min                      ? 
_reflns.number_all                       ? 
_reflns.number_obs                       17774 
_reflns.observed_criterion               ? 
_reflns.observed_criterion_F_max         ? 
_reflns.observed_criterion_F_min         ? 
_reflns.observed_criterion_I_max         ? 
_reflns.observed_criterion_I_min         ? 
_reflns.observed_criterion_sigma_F       ? 
_reflns.observed_criterion_sigma_I       ? 
_reflns.percent_possible_obs             99.8 
_reflns.R_free_details                   ? 
_reflns.Rmerge_F_all                     ? 
_reflns.Rmerge_F_obs                     ? 
_reflns.Friedel_coverage                 ? 
_reflns.number_gt                        ? 
_reflns.threshold_expression             ? 
_reflns.pdbx_redundancy                  1.9 
_reflns.pdbx_Rmerge_I_obs                ? 
_reflns.pdbx_Rmerge_I_all                ? 
_reflns.pdbx_Rsym_value                  ? 
_reflns.pdbx_netI_over_av_sigmaI         ? 
_reflns.pdbx_netI_over_sigmaI            16.6 
_reflns.pdbx_res_netI_over_av_sigmaI_2   ? 
_reflns.pdbx_res_netI_over_sigmaI_2      ? 
_reflns.pdbx_chi_squared                 ? 
_reflns.pdbx_scaling_rejects             ? 
_reflns.pdbx_d_res_high_opt              ? 
_reflns.pdbx_d_res_low_opt               ? 
_reflns.pdbx_d_res_opt_method            ? 
_reflns.phase_calculation_details        ? 
_reflns.pdbx_Rrim_I_all                  ? 
_reflns.pdbx_Rpim_I_all                  ? 
_reflns.pdbx_d_opt                       ? 
_reflns.pdbx_number_measured_all         ? 
_reflns.pdbx_diffrn_id                   1 
_reflns.pdbx_ordinal                     1 
_reflns.pdbx_CC_half                     1.0 
_reflns.pdbx_R_split                     ? 
# 
_reflns_shell.d_res_high                  1.25 
_reflns_shell.d_res_low                   1.27 
_reflns_shell.meanI_over_sigI_all         ? 
_reflns_shell.meanI_over_sigI_obs         ? 
_reflns_shell.number_measured_all         ? 
_reflns_shell.number_measured_obs         ? 
_reflns_shell.number_possible             ? 
_reflns_shell.number_unique_all           ? 
_reflns_shell.number_unique_obs           773 
_reflns_shell.percent_possible_all        90.4 
_reflns_shell.percent_possible_obs        ? 
_reflns_shell.Rmerge_F_all                ? 
_reflns_shell.Rmerge_F_obs                ? 
_reflns_shell.Rmerge_I_all                ? 
_reflns_shell.Rmerge_I_obs                ? 
_reflns_shell.meanI_over_sigI_gt          ? 
_reflns_shell.meanI_over_uI_all           ? 
_reflns_shell.meanI_over_uI_gt            ? 
_reflns_shell.number_measured_gt          ? 
_reflns_shell.number_unique_gt            ? 
_reflns_shell.percent_possible_gt         ? 
_reflns_shell.Rmerge_F_gt                 ? 
_reflns_shell.Rmerge_I_gt                 ? 
_reflns_shell.pdbx_redundancy             ? 
_reflns_shell.pdbx_Rsym_value             ? 
_reflns_shell.pdbx_chi_squared            ? 
_reflns_shell.pdbx_netI_over_sigmaI_all   ? 
_reflns_shell.pdbx_netI_over_sigmaI_obs   ? 
_reflns_shell.pdbx_Rrim_I_all             ? 
_reflns_shell.pdbx_Rpim_I_all             ? 
_reflns_shell.pdbx_rejects                ? 
_reflns_shell.pdbx_ordinal                1 
_reflns_shell.pdbx_diffrn_id              1 
_reflns_shell.pdbx_CC_half                0.961 
_reflns_shell.pdbx_R_split                ? 
# 
_refine.aniso_B[1][1]                            ? 
_refine.aniso_B[1][2]                            ? 
_refine.aniso_B[1][3]                            ? 
_refine.aniso_B[2][2]                            ? 
_refine.aniso_B[2][3]                            ? 
_refine.aniso_B[3][3]                            ? 
_refine.B_iso_max                                ? 
_refine.B_iso_mean                               ? 
_refine.B_iso_min                                ? 
_refine.correlation_coeff_Fo_to_Fc               ? 
_refine.correlation_coeff_Fo_to_Fc_free          ? 
_refine.details                                  ? 
_refine.diff_density_max                         ? 
_refine.diff_density_max_esd                     ? 
_refine.diff_density_min                         ? 
_refine.diff_density_min_esd                     ? 
_refine.diff_density_rms                         ? 
_refine.diff_density_rms_esd                     ? 
_refine.entry_id                                 6SX1 
_refine.pdbx_refine_id                           'X-RAY DIFFRACTION' 
_refine.ls_abs_structure_details                 ? 
_refine.ls_abs_structure_Flack                   ? 
_refine.ls_abs_structure_Flack_esd               ? 
_refine.ls_abs_structure_Rogers                  ? 
_refine.ls_abs_structure_Rogers_esd              ? 
_refine.ls_d_res_high                            1.25 
_refine.ls_d_res_low                             31.42 
_refine.ls_extinction_coef                       ? 
_refine.ls_extinction_coef_esd                   ? 
_refine.ls_extinction_expression                 ? 
_refine.ls_extinction_method                     ? 
_refine.ls_goodness_of_fit_all                   ? 
_refine.ls_goodness_of_fit_all_esd               ? 
_refine.ls_goodness_of_fit_obs                   ? 
_refine.ls_goodness_of_fit_obs_esd               ? 
_refine.ls_hydrogen_treatment                    ? 
_refine.ls_matrix_type                           ? 
_refine.ls_number_constraints                    ? 
_refine.ls_number_parameters                     ? 
_refine.ls_number_reflns_all                     ? 
_refine.ls_number_reflns_obs                     17665 
_refine.ls_number_reflns_R_free                  ? 
_refine.ls_number_reflns_R_work                  ? 
_refine.ls_number_restraints                     ? 
_refine.ls_percent_reflns_obs                    99.3 
_refine.ls_percent_reflns_R_free                 ? 
_refine.ls_R_factor_all                          ? 
_refine.ls_R_factor_obs                          ? 
_refine.ls_R_factor_R_free                       ? 
_refine.ls_R_factor_R_free_error                 ? 
_refine.ls_R_factor_R_free_error_details         ? 
_refine.ls_R_factor_R_work                       ? 
_refine.ls_R_Fsqd_factor_obs                     ? 
_refine.ls_R_I_factor_obs                        ? 
_refine.ls_redundancy_reflns_all                 ? 
_refine.ls_redundancy_reflns_obs                 ? 
_refine.ls_restrained_S_all                      ? 
_refine.ls_restrained_S_obs                      ? 
_refine.ls_shift_over_esd_max                    ? 
_refine.ls_shift_over_esd_mean                   ? 
_refine.ls_structure_factor_coef                 ? 
_refine.ls_weighting_details                     ? 
_refine.ls_weighting_scheme                      ? 
_refine.ls_wR_factor_all                         ? 
_refine.ls_wR_factor_obs                         ? 
_refine.ls_wR_factor_R_free                      ? 
_refine.ls_wR_factor_R_work                      ? 
_refine.occupancy_max                            ? 
_refine.occupancy_min                            ? 
_refine.solvent_model_details                    ? 
_refine.solvent_model_param_bsol                 ? 
_refine.solvent_model_param_ksol                 ? 
_refine.ls_R_factor_gt                           ? 
_refine.ls_goodness_of_fit_gt                    ? 
_refine.ls_goodness_of_fit_ref                   ? 
_refine.ls_shift_over_su_max                     ? 
_refine.ls_shift_over_su_max_lt                  ? 
_refine.ls_shift_over_su_mean                    ? 
_refine.ls_shift_over_su_mean_lt                 ? 
_refine.pdbx_ls_sigma_I                          ? 
_refine.pdbx_ls_sigma_F                          ? 
_refine.pdbx_ls_sigma_Fsqd                       ? 
_refine.pdbx_data_cutoff_high_absF               ? 
_refine.pdbx_data_cutoff_high_rms_absF           ? 
_refine.pdbx_data_cutoff_low_absF                ? 
_refine.pdbx_isotropic_thermal_model             ? 
_refine.pdbx_ls_cross_valid_method               THROUGHOUT 
_refine.pdbx_method_to_determine_struct          'MOLECULAR REPLACEMENT' 
_refine.pdbx_starting_model                      ? 
_refine.pdbx_stereochemistry_target_values       ? 
_refine.pdbx_R_Free_selection_details            ? 
_refine.pdbx_stereochem_target_val_spec_case     ? 
_refine.pdbx_overall_ESU_R                       ? 
_refine.pdbx_overall_ESU_R_Free                  ? 
_refine.pdbx_solvent_vdw_probe_radii             ? 
_refine.pdbx_solvent_ion_probe_radii             ? 
_refine.pdbx_solvent_shrinkage_radii             ? 
_refine.pdbx_real_space_R                        ? 
_refine.pdbx_density_correlation                 ? 
_refine.pdbx_pd_number_of_powder_patterns        ? 
_refine.pdbx_pd_number_of_points                 ? 
_refine.pdbx_pd_meas_number_of_points            ? 
_refine.pdbx_pd_proc_ls_prof_R_factor            ? 
_refine.pdbx_pd_proc_ls_prof_wR_factor           ? 
_refine.pdbx_pd_Marquardt_correlation_coeff      ? 
_refine.pdbx_pd_Fsqrd_R_factor                   ? 
_refine.pdbx_pd_ls_matrix_band_width             ? 
_refine.pdbx_overall_phase_error                 ? 
_refine.pdbx_overall_SU_R_free_Cruickshank_DPI   ? 
_refine.pdbx_overall_SU_R_free_Blow_DPI          ? 
_refine.pdbx_overall_SU_R_Blow_DPI               ? 
_refine.pdbx_TLS_residual_ADP_flag               ? 
_refine.pdbx_diffrn_id                           1 
_refine.overall_SU_B                             ? 
_refine.overall_SU_ML                            ? 
_refine.overall_SU_R_Cruickshank_DPI             ? 
_refine.overall_SU_R_free                        ? 
_refine.overall_FOM_free_R_set                   ? 
_refine.overall_FOM_work_R_set                   ? 
_refine.pdbx_average_fsc_overall                 ? 
_refine.pdbx_average_fsc_work                    ? 
_refine.pdbx_average_fsc_free                    ? 
# 
_refine_hist.pdbx_refine_id                   'X-RAY DIFFRACTION' 
_refine_hist.cycle_id                         LAST 
_refine_hist.pdbx_number_atoms_protein        585 
_refine_hist.pdbx_number_atoms_nucleic_acid   0 
_refine_hist.pdbx_number_atoms_ligand         0 
_refine_hist.number_atoms_solvent             75 
_refine_hist.number_atoms_total               660 
_refine_hist.d_res_high                       1.25 
_refine_hist.d_res_low                        31.42 
# 
_struct.entry_id                     6SX1 
_struct.title                        'Structure of Rib Standard, a Rib domain from Lactobacillus acidophilus' 
_struct.pdbx_model_details           ? 
_struct.pdbx_formula_weight          ? 
_struct.pdbx_formula_weight_method   ? 
_struct.pdbx_model_type_details      ? 
_struct.pdbx_CASP_flag               N 
# 
_struct_keywords.entry_id        6SX1 
_struct_keywords.text            
'Rib domain, bacterial cell surface, immunoglobulin fold, profile-HMM, domain atrophy, STRUCTURAL PROTEIN' 
_struct_keywords.pdbx_keywords   'STRUCTURAL PROTEIN' 
# 
loop_
_struct_asym.id 
_struct_asym.pdbx_blank_PDB_chainid_flag 
_struct_asym.pdbx_modified 
_struct_asym.entity_id 
_struct_asym.details 
A N N 1 ? 
B N N 2 ? 
# 
_struct_ref.id                         1 
_struct_ref.db_name                    UNP 
_struct_ref.db_code                    Q5FIM8_LACAC 
_struct_ref.pdbx_db_accession          Q5FIM8 
_struct_ref.pdbx_db_isoform            ? 
_struct_ref.entity_id                  1 
_struct_ref.pdbx_seq_one_letter_code   
;GQTDADKYTPEAKDITVTPGPTPDPAEGIGNKDTLPSGTKYEWKDPVDTTTPGDKTGTIVVSYPDGSTDEIQVTVKVTDP
TTP
;
_struct_ref.pdbx_align_begin           1269 
# 
_struct_ref_seq.align_id                      1 
_struct_ref_seq.ref_id                        1 
_struct_ref_seq.pdbx_PDB_id_code              6SX1 
_struct_ref_seq.pdbx_strand_id                A 
_struct_ref_seq.seq_align_beg                 1 
_struct_ref_seq.pdbx_seq_align_beg_ins_code   ? 
_struct_ref_seq.seq_align_end                 83 
_struct_ref_seq.pdbx_seq_align_end_ins_code   ? 
_struct_ref_seq.pdbx_db_accession             Q5FIM8 
_struct_ref_seq.db_align_beg                  1269 
_struct_ref_seq.pdbx_db_align_beg_ins_code    ? 
_struct_ref_seq.db_align_end                  1351 
_struct_ref_seq.pdbx_db_align_end_ins_code    ? 
_struct_ref_seq.pdbx_auth_seq_align_beg       1269 
_struct_ref_seq.pdbx_auth_seq_align_end       1351 
# 
_pdbx_struct_assembly.id                   1 
_pdbx_struct_assembly.details              author_and_software_defined_assembly 
_pdbx_struct_assembly.method_details       PISA 
_pdbx_struct_assembly.oligomeric_details   monomeric 
_pdbx_struct_assembly.oligomeric_count     1 
# 
loop_
_pdbx_struct_assembly_prop.biol_id 
_pdbx_struct_assembly_prop.type 
_pdbx_struct_assembly_prop.value 
_pdbx_struct_assembly_prop.details 
1 'ABSA (A^2)' 0    ? 
1 MORE         0    ? 
1 'SSA (A^2)'  4710 ? 
# 
_pdbx_struct_assembly_gen.assembly_id       1 
_pdbx_struct_assembly_gen.oper_expression   1 
_pdbx_struct_assembly_gen.asym_id_list      A,B 
# 
_pdbx_struct_assembly_auth_evidence.id                     1 
_pdbx_struct_assembly_auth_evidence.assembly_id            1 
_pdbx_struct_assembly_auth_evidence.experimental_support   'light scattering' 
_pdbx_struct_assembly_auth_evidence.details                'Rib Short is a monomer in solution as verified by SEC-MALS' 
# 
_pdbx_struct_oper_list.id                   1 
_pdbx_struct_oper_list.type                 'identity operation' 
_pdbx_struct_oper_list.name                 1_555 
_pdbx_struct_oper_list.symmetry_operation   x,y,z 
_pdbx_struct_oper_list.matrix[1][1]         1.0000000000 
_pdbx_struct_oper_list.matrix[1][2]         0.0000000000 
_pdbx_struct_oper_list.matrix[1][3]         0.0000000000 
_pdbx_struct_oper_list.vector[1]            0.0000000000 
_pdbx_struct_oper_list.matrix[2][1]         0.0000000000 
_pdbx_struct_oper_list.matrix[2][2]         1.0000000000 
_pdbx_struct_oper_list.matrix[2][3]         0.0000000000 
_pdbx_struct_oper_list.vector[2]            0.0000000000 
_pdbx_struct_oper_list.matrix[3][1]         0.0000000000 
_pdbx_struct_oper_list.matrix[3][2]         0.0000000000 
_pdbx_struct_oper_list.matrix[3][3]         1.0000000000 
_pdbx_struct_oper_list.vector[3]            0.0000000000 
# 
loop_
_struct_conf.conf_type_id 
_struct_conf.id 
_struct_conf.pdbx_PDB_helix_id 
_struct_conf.beg_label_comp_id 
_struct_conf.beg_label_asym_id 
_struct_conf.beg_label_seq_id 
_struct_conf.pdbx_beg_PDB_ins_code 
_struct_conf.end_label_comp_id 
_struct_conf.end_label_asym_id 
_struct_conf.end_label_seq_id 
_struct_conf.pdbx_end_PDB_ins_code 
_struct_conf.beg_auth_comp_id 
_struct_conf.beg_auth_asym_id 
_struct_conf.beg_auth_seq_id 
_struct_conf.end_auth_comp_id 
_struct_conf.end_auth_asym_id 
_struct_conf.end_auth_seq_id 
_struct_conf.pdbx_PDB_helix_class 
_struct_conf.details 
_struct_conf.pdbx_PDB_helix_length 
HELX_P HELX_P1 AA1 THR A 3  ? LYS A 7  ? THR A 1271 LYS A 1275 5 ? 5 
HELX_P HELX_P2 AA2 ASP A 24 ? ILE A 29 ? ASP A 1292 ILE A 1297 5 ? 6 
HELX_P HELX_P3 AA3 ASN A 31 ? LEU A 35 ? ASN A 1299 LEU A 1303 5 ? 5 
# 
_struct_conf_type.id          HELX_P 
_struct_conf_type.criteria    ? 
_struct_conf_type.reference   ? 
# 
_struct_sheet.id               AA1 
_struct_sheet.type             ? 
_struct_sheet.number_strands   4 
_struct_sheet.details          ? 
# 
loop_
_struct_sheet_order.sheet_id 
_struct_sheet_order.range_id_1 
_struct_sheet_order.range_id_2 
_struct_sheet_order.offset 
_struct_sheet_order.sense 
AA1 1 2 ? parallel      
AA1 2 3 ? anti-parallel 
AA1 3 4 ? anti-parallel 
# 
loop_
_struct_sheet_range.sheet_id 
_struct_sheet_range.id 
_struct_sheet_range.beg_label_comp_id 
_struct_sheet_range.beg_label_asym_id 
_struct_sheet_range.beg_label_seq_id 
_struct_sheet_range.pdbx_beg_PDB_ins_code 
_struct_sheet_range.end_label_comp_id 
_struct_sheet_range.end_label_asym_id 
_struct_sheet_range.end_label_seq_id 
_struct_sheet_range.pdbx_end_PDB_ins_code 
_struct_sheet_range.beg_auth_comp_id 
_struct_sheet_range.beg_auth_asym_id 
_struct_sheet_range.beg_auth_seq_id 
_struct_sheet_range.end_auth_comp_id 
_struct_sheet_range.end_auth_asym_id 
_struct_sheet_range.end_auth_seq_id 
AA1 1 ILE A 15 ? VAL A 17 ? ILE A 1283 VAL A 1285 
AA1 2 THR A 68 ? VAL A 77 ? THR A 1336 VAL A 1345 
AA1 3 GLY A 53 ? SER A 62 ? GLY A 1321 SER A 1330 
AA1 4 LYS A 40 ? TRP A 43 ? LYS A 1308 TRP A 1311 
# 
loop_
_pdbx_struct_sheet_hbond.sheet_id 
_pdbx_struct_sheet_hbond.range_id_1 
_pdbx_struct_sheet_hbond.range_id_2 
_pdbx_struct_sheet_hbond.range_1_label_atom_id 
_pdbx_struct_sheet_hbond.range_1_label_comp_id 
_pdbx_struct_sheet_hbond.range_1_label_asym_id 
_pdbx_struct_sheet_hbond.range_1_label_seq_id 
_pdbx_struct_sheet_hbond.range_1_PDB_ins_code 
_pdbx_struct_sheet_hbond.range_1_auth_atom_id 
_pdbx_struct_sheet_hbond.range_1_auth_comp_id 
_pdbx_struct_sheet_hbond.range_1_auth_asym_id 
_pdbx_struct_sheet_hbond.range_1_auth_seq_id 
_pdbx_struct_sheet_hbond.range_2_label_atom_id 
_pdbx_struct_sheet_hbond.range_2_label_comp_id 
_pdbx_struct_sheet_hbond.range_2_label_asym_id 
_pdbx_struct_sheet_hbond.range_2_label_seq_id 
_pdbx_struct_sheet_hbond.range_2_PDB_ins_code 
_pdbx_struct_sheet_hbond.range_2_auth_atom_id 
_pdbx_struct_sheet_hbond.range_2_auth_comp_id 
_pdbx_struct_sheet_hbond.range_2_auth_asym_id 
_pdbx_struct_sheet_hbond.range_2_auth_seq_id 
AA1 1 2 N ILE A 15 ? N ILE A 1283 O LYS A 76 ? O LYS A 1344 
AA1 2 3 O ILE A 71 ? O ILE A 1339 N ILE A 59 ? N ILE A 1327 
AA1 3 4 O VAL A 60 ? O VAL A 1328 N GLU A 42 ? N GLU A 1310 
# 
loop_
_pdbx_validate_close_contact.id 
_pdbx_validate_close_contact.PDB_model_num 
_pdbx_validate_close_contact.auth_atom_id_1 
_pdbx_validate_close_contact.auth_asym_id_1 
_pdbx_validate_close_contact.auth_comp_id_1 
_pdbx_validate_close_contact.auth_seq_id_1 
_pdbx_validate_close_contact.PDB_ins_code_1 
_pdbx_validate_close_contact.label_alt_id_1 
_pdbx_validate_close_contact.auth_atom_id_2 
_pdbx_validate_close_contact.auth_asym_id_2 
_pdbx_validate_close_contact.auth_comp_id_2 
_pdbx_validate_close_contact.auth_seq_id_2 
_pdbx_validate_close_contact.PDB_ins_code_2 
_pdbx_validate_close_contact.label_alt_id_2 
_pdbx_validate_close_contact.dist 
1 1 O A HOH 1403 ? ? O A HOH 1430 ? ? 1.58 
2 1 O A HOH 1454 ? ? O A HOH 1456 ? ? 1.69 
# 
loop_
_pdbx_unobs_or_zero_occ_residues.id 
_pdbx_unobs_or_zero_occ_residues.PDB_model_num 
_pdbx_unobs_or_zero_occ_residues.polymer_flag 
_pdbx_unobs_or_zero_occ_residues.occupancy_flag 
_pdbx_unobs_or_zero_occ_residues.auth_asym_id 
_pdbx_unobs_or_zero_occ_residues.auth_comp_id 
_pdbx_unobs_or_zero_occ_residues.auth_seq_id 
_pdbx_unobs_or_zero_occ_residues.PDB_ins_code 
_pdbx_unobs_or_zero_occ_residues.label_asym_id 
_pdbx_unobs_or_zero_occ_residues.label_comp_id 
_pdbx_unobs_or_zero_occ_residues.label_seq_id 
1 1 Y 1 A PRO 1348 ? A PRO 80 
2 1 Y 1 A THR 1349 ? A THR 81 
3 1 Y 1 A THR 1350 ? A THR 82 
4 1 Y 1 A PRO 1351 ? A PRO 83 
# 
loop_
_chem_comp_atom.comp_id 
_chem_comp_atom.atom_id 
_chem_comp_atom.type_symbol 
_chem_comp_atom.pdbx_aromatic_flag 
_chem_comp_atom.pdbx_stereo_config 
_chem_comp_atom.pdbx_ordinal 
ALA N    N N N 1   
ALA CA   C N S 2   
ALA C    C N N 3   
ALA O    O N N 4   
ALA CB   C N N 5   
ALA OXT  O N N 6   
ALA H    H N N 7   
ALA H2   H N N 8   
ALA HA   H N N 9   
ALA HB1  H N N 10  
ALA HB2  H N N 11  
ALA HB3  H N N 12  
ALA HXT  H N N 13  
ASN N    N N N 14  
ASN CA   C N S 15  
ASN C    C N N 16  
ASN O    O N N 17  
ASN CB   C N N 18  
ASN CG   C N N 19  
ASN OD1  O N N 20  
ASN ND2  N N N 21  
ASN OXT  O N N 22  
ASN H    H N N 23  
ASN H2   H N N 24  
ASN HA   H N N 25  
ASN HB2  H N N 26  
ASN HB3  H N N 27  
ASN HD21 H N N 28  
ASN HD22 H N N 29  
ASN HXT  H N N 30  
ASP N    N N N 31  
ASP CA   C N S 32  
ASP C    C N N 33  
ASP O    O N N 34  
ASP CB   C N N 35  
ASP CG   C N N 36  
ASP OD1  O N N 37  
ASP OD2  O N N 38  
ASP OXT  O N N 39  
ASP H    H N N 40  
ASP H2   H N N 41  
ASP HA   H N N 42  
ASP HB2  H N N 43  
ASP HB3  H N N 44  
ASP HD2  H N N 45  
ASP HXT  H N N 46  
GLN N    N N N 47  
GLN CA   C N S 48  
GLN C    C N N 49  
GLN O    O N N 50  
GLN CB   C N N 51  
GLN CG   C N N 52  
GLN CD   C N N 53  
GLN OE1  O N N 54  
GLN NE2  N N N 55  
GLN OXT  O N N 56  
GLN H    H N N 57  
GLN H2   H N N 58  
GLN HA   H N N 59  
GLN HB2  H N N 60  
GLN HB3  H N N 61  
GLN HG2  H N N 62  
GLN HG3  H N N 63  
GLN HE21 H N N 64  
GLN HE22 H N N 65  
GLN HXT  H N N 66  
GLU N    N N N 67  
GLU CA   C N S 68  
GLU C    C N N 69  
GLU O    O N N 70  
GLU CB   C N N 71  
GLU CG   C N N 72  
GLU CD   C N N 73  
GLU OE1  O N N 74  
GLU OE2  O N N 75  
GLU OXT  O N N 76  
GLU H    H N N 77  
GLU H2   H N N 78  
GLU HA   H N N 79  
GLU HB2  H N N 80  
GLU HB3  H N N 81  
GLU HG2  H N N 82  
GLU HG3  H N N 83  
GLU HE2  H N N 84  
GLU HXT  H N N 85  
GLY N    N N N 86  
GLY CA   C N N 87  
GLY C    C N N 88  
GLY O    O N N 89  
GLY OXT  O N N 90  
GLY H    H N N 91  
GLY H2   H N N 92  
GLY HA2  H N N 93  
GLY HA3  H N N 94  
GLY HXT  H N N 95  
HOH O    O N N 96  
HOH H1   H N N 97  
HOH H2   H N N 98  
ILE N    N N N 99  
ILE CA   C N S 100 
ILE C    C N N 101 
ILE O    O N N 102 
ILE CB   C N S 103 
ILE CG1  C N N 104 
ILE CG2  C N N 105 
ILE CD1  C N N 106 
ILE OXT  O N N 107 
ILE H    H N N 108 
ILE H2   H N N 109 
ILE HA   H N N 110 
ILE HB   H N N 111 
ILE HG12 H N N 112 
ILE HG13 H N N 113 
ILE HG21 H N N 114 
ILE HG22 H N N 115 
ILE HG23 H N N 116 
ILE HD11 H N N 117 
ILE HD12 H N N 118 
ILE HD13 H N N 119 
ILE HXT  H N N 120 
LEU N    N N N 121 
LEU CA   C N S 122 
LEU C    C N N 123 
LEU O    O N N 124 
LEU CB   C N N 125 
LEU CG   C N N 126 
LEU CD1  C N N 127 
LEU CD2  C N N 128 
LEU OXT  O N N 129 
LEU H    H N N 130 
LEU H2   H N N 131 
LEU HA   H N N 132 
LEU HB2  H N N 133 
LEU HB3  H N N 134 
LEU HG   H N N 135 
LEU HD11 H N N 136 
LEU HD12 H N N 137 
LEU HD13 H N N 138 
LEU HD21 H N N 139 
LEU HD22 H N N 140 
LEU HD23 H N N 141 
LEU HXT  H N N 142 
LYS N    N N N 143 
LYS CA   C N S 144 
LYS C    C N N 145 
LYS O    O N N 146 
LYS CB   C N N 147 
LYS CG   C N N 148 
LYS CD   C N N 149 
LYS CE   C N N 150 
LYS NZ   N N N 151 
LYS OXT  O N N 152 
LYS H    H N N 153 
LYS H2   H N N 154 
LYS HA   H N N 155 
LYS HB2  H N N 156 
LYS HB3  H N N 157 
LYS HG2  H N N 158 
LYS HG3  H N N 159 
LYS HD2  H N N 160 
LYS HD3  H N N 161 
LYS HE2  H N N 162 
LYS HE3  H N N 163 
LYS HZ1  H N N 164 
LYS HZ2  H N N 165 
LYS HZ3  H N N 166 
LYS HXT  H N N 167 
PRO N    N N N 168 
PRO CA   C N S 169 
PRO C    C N N 170 
PRO O    O N N 171 
PRO CB   C N N 172 
PRO CG   C N N 173 
PRO CD   C N N 174 
PRO OXT  O N N 175 
PRO H    H N N 176 
PRO HA   H N N 177 
PRO HB2  H N N 178 
PRO HB3  H N N 179 
PRO HG2  H N N 180 
PRO HG3  H N N 181 
PRO HD2  H N N 182 
PRO HD3  H N N 183 
PRO HXT  H N N 184 
SER N    N N N 185 
SER CA   C N S 186 
SER C    C N N 187 
SER O    O N N 188 
SER CB   C N N 189 
SER OG   O N N 190 
SER OXT  O N N 191 
SER H    H N N 192 
SER H2   H N N 193 
SER HA   H N N 194 
SER HB2  H N N 195 
SER HB3  H N N 196 
SER HG   H N N 197 
SER HXT  H N N 198 
THR N    N N N 199 
THR CA   C N S 200 
THR C    C N N 201 
THR O    O N N 202 
THR CB   C N R 203 
THR OG1  O N N 204 
THR CG2  C N N 205 
THR OXT  O N N 206 
THR H    H N N 207 
THR H2   H N N 208 
THR HA   H N N 209 
THR HB   H N N 210 
THR HG1  H N N 211 
THR HG21 H N N 212 
THR HG22 H N N 213 
THR HG23 H N N 214 
THR HXT  H N N 215 
TRP N    N N N 216 
TRP CA   C N S 217 
TRP C    C N N 218 
TRP O    O N N 219 
TRP CB   C N N 220 
TRP CG   C Y N 221 
TRP CD1  C Y N 222 
TRP CD2  C Y N 223 
TRP NE1  N Y N 224 
TRP CE2  C Y N 225 
TRP CE3  C Y N 226 
TRP CZ2  C Y N 227 
TRP CZ3  C Y N 228 
TRP CH2  C Y N 229 
TRP OXT  O N N 230 
TRP H    H N N 231 
TRP H2   H N N 232 
TRP HA   H N N 233 
TRP HB2  H N N 234 
TRP HB3  H N N 235 
TRP HD1  H N N 236 
TRP HE1  H N N 237 
TRP HE3  H N N 238 
TRP HZ2  H N N 239 
TRP HZ3  H N N 240 
TRP HH2  H N N 241 
TRP HXT  H N N 242 
TYR N    N N N 243 
TYR CA   C N S 244 
TYR C    C N N 245 
TYR O    O N N 246 
TYR CB   C N N 247 
TYR CG   C Y N 248 
TYR CD1  C Y N 249 
TYR CD2  C Y N 250 
TYR CE1  C Y N 251 
TYR CE2  C Y N 252 
TYR CZ   C Y N 253 
TYR OH   O N N 254 
TYR OXT  O N N 255 
TYR H    H N N 256 
TYR H2   H N N 257 
TYR HA   H N N 258 
TYR HB2  H N N 259 
TYR HB3  H N N 260 
TYR HD1  H N N 261 
TYR HD2  H N N 262 
TYR HE1  H N N 263 
TYR HE2  H N N 264 
TYR HH   H N N 265 
TYR HXT  H N N 266 
VAL N    N N N 267 
VAL CA   C N S 268 
VAL C    C N N 269 
VAL O    O N N 270 
VAL CB   C N N 271 
VAL CG1  C N N 272 
VAL CG2  C N N 273 
VAL OXT  O N N 274 
VAL H    H N N 275 
VAL H2   H N N 276 
VAL HA   H N N 277 
VAL HB   H N N 278 
VAL HG11 H N N 279 
VAL HG12 H N N 280 
VAL HG13 H N N 281 
VAL HG21 H N N 282 
VAL HG22 H N N 283 
VAL HG23 H N N 284 
VAL HXT  H N N 285 
# 
loop_
_chem_comp_bond.comp_id 
_chem_comp_bond.atom_id_1 
_chem_comp_bond.atom_id_2 
_chem_comp_bond.value_order 
_chem_comp_bond.pdbx_aromatic_flag 
_chem_comp_bond.pdbx_stereo_config 
_chem_comp_bond.pdbx_ordinal 
ALA N   CA   sing N N 1   
ALA N   H    sing N N 2   
ALA N   H2   sing N N 3   
ALA CA  C    sing N N 4   
ALA CA  CB   sing N N 5   
ALA CA  HA   sing N N 6   
ALA C   O    doub N N 7   
ALA C   OXT  sing N N 8   
ALA CB  HB1  sing N N 9   
ALA CB  HB2  sing N N 10  
ALA CB  HB3  sing N N 11  
ALA OXT HXT  sing N N 12  
ASN N   CA   sing N N 13  
ASN N   H    sing N N 14  
ASN N   H2   sing N N 15  
ASN CA  C    sing N N 16  
ASN CA  CB   sing N N 17  
ASN CA  HA   sing N N 18  
ASN C   O    doub N N 19  
ASN C   OXT  sing N N 20  
ASN CB  CG   sing N N 21  
ASN CB  HB2  sing N N 22  
ASN CB  HB3  sing N N 23  
ASN CG  OD1  doub N N 24  
ASN CG  ND2  sing N N 25  
ASN ND2 HD21 sing N N 26  
ASN ND2 HD22 sing N N 27  
ASN OXT HXT  sing N N 28  
ASP N   CA   sing N N 29  
ASP N   H    sing N N 30  
ASP N   H2   sing N N 31  
ASP CA  C    sing N N 32  
ASP CA  CB   sing N N 33  
ASP CA  HA   sing N N 34  
ASP C   O    doub N N 35  
ASP C   OXT  sing N N 36  
ASP CB  CG   sing N N 37  
ASP CB  HB2  sing N N 38  
ASP CB  HB3  sing N N 39  
ASP CG  OD1  doub N N 40  
ASP CG  OD2  sing N N 41  
ASP OD2 HD2  sing N N 42  
ASP OXT HXT  sing N N 43  
GLN N   CA   sing N N 44  
GLN N   H    sing N N 45  
GLN N   H2   sing N N 46  
GLN CA  C    sing N N 47  
GLN CA  CB   sing N N 48  
GLN CA  HA   sing N N 49  
GLN C   O    doub N N 50  
GLN C   OXT  sing N N 51  
GLN CB  CG   sing N N 52  
GLN CB  HB2  sing N N 53  
GLN CB  HB3  sing N N 54  
GLN CG  CD   sing N N 55  
GLN CG  HG2  sing N N 56  
GLN CG  HG3  sing N N 57  
GLN CD  OE1  doub N N 58  
GLN CD  NE2  sing N N 59  
GLN NE2 HE21 sing N N 60  
GLN NE2 HE22 sing N N 61  
GLN OXT HXT  sing N N 62  
GLU N   CA   sing N N 63  
GLU N   H    sing N N 64  
GLU N   H2   sing N N 65  
GLU CA  C    sing N N 66  
GLU CA  CB   sing N N 67  
GLU CA  HA   sing N N 68  
GLU C   O    doub N N 69  
GLU C   OXT  sing N N 70  
GLU CB  CG   sing N N 71  
GLU CB  HB2  sing N N 72  
GLU CB  HB3  sing N N 73  
GLU CG  CD   sing N N 74  
GLU CG  HG2  sing N N 75  
GLU CG  HG3  sing N N 76  
GLU CD  OE1  doub N N 77  
GLU CD  OE2  sing N N 78  
GLU OE2 HE2  sing N N 79  
GLU OXT HXT  sing N N 80  
GLY N   CA   sing N N 81  
GLY N   H    sing N N 82  
GLY N   H2   sing N N 83  
GLY CA  C    sing N N 84  
GLY CA  HA2  sing N N 85  
GLY CA  HA3  sing N N 86  
GLY C   O    doub N N 87  
GLY C   OXT  sing N N 88  
GLY OXT HXT  sing N N 89  
HOH O   H1   sing N N 90  
HOH O   H2   sing N N 91  
ILE N   CA   sing N N 92  
ILE N   H    sing N N 93  
ILE N   H2   sing N N 94  
ILE CA  C    sing N N 95  
ILE CA  CB   sing N N 96  
ILE CA  HA   sing N N 97  
ILE C   O    doub N N 98  
ILE C   OXT  sing N N 99  
ILE CB  CG1  sing N N 100 
ILE CB  CG2  sing N N 101 
ILE CB  HB   sing N N 102 
ILE CG1 CD1  sing N N 103 
ILE CG1 HG12 sing N N 104 
ILE CG1 HG13 sing N N 105 
ILE CG2 HG21 sing N N 106 
ILE CG2 HG22 sing N N 107 
ILE CG2 HG23 sing N N 108 
ILE CD1 HD11 sing N N 109 
ILE CD1 HD12 sing N N 110 
ILE CD1 HD13 sing N N 111 
ILE OXT HXT  sing N N 112 
LEU N   CA   sing N N 113 
LEU N   H    sing N N 114 
LEU N   H2   sing N N 115 
LEU CA  C    sing N N 116 
LEU CA  CB   sing N N 117 
LEU CA  HA   sing N N 118 
LEU C   O    doub N N 119 
LEU C   OXT  sing N N 120 
LEU CB  CG   sing N N 121 
LEU CB  HB2  sing N N 122 
LEU CB  HB3  sing N N 123 
LEU CG  CD1  sing N N 124 
LEU CG  CD2  sing N N 125 
LEU CG  HG   sing N N 126 
LEU CD1 HD11 sing N N 127 
LEU CD1 HD12 sing N N 128 
LEU CD1 HD13 sing N N 129 
LEU CD2 HD21 sing N N 130 
LEU CD2 HD22 sing N N 131 
LEU CD2 HD23 sing N N 132 
LEU OXT HXT  sing N N 133 
LYS N   CA   sing N N 134 
LYS N   H    sing N N 135 
LYS N   H2   sing N N 136 
LYS CA  C    sing N N 137 
LYS CA  CB   sing N N 138 
LYS CA  HA   sing N N 139 
LYS C   O    doub N N 140 
LYS C   OXT  sing N N 141 
LYS CB  CG   sing N N 142 
LYS CB  HB2  sing N N 143 
LYS CB  HB3  sing N N 144 
LYS CG  CD   sing N N 145 
LYS CG  HG2  sing N N 146 
LYS CG  HG3  sing N N 147 
LYS CD  CE   sing N N 148 
LYS CD  HD2  sing N N 149 
LYS CD  HD3  sing N N 150 
LYS CE  NZ   sing N N 151 
LYS CE  HE2  sing N N 152 
LYS CE  HE3  sing N N 153 
LYS NZ  HZ1  sing N N 154 
LYS NZ  HZ2  sing N N 155 
LYS NZ  HZ3  sing N N 156 
LYS OXT HXT  sing N N 157 
PRO N   CA   sing N N 158 
PRO N   CD   sing N N 159 
PRO N   H    sing N N 160 
PRO CA  C    sing N N 161 
PRO CA  CB   sing N N 162 
PRO CA  HA   sing N N 163 
PRO C   O    doub N N 164 
PRO C   OXT  sing N N 165 
PRO CB  CG   sing N N 166 
PRO CB  HB2  sing N N 167 
PRO CB  HB3  sing N N 168 
PRO CG  CD   sing N N 169 
PRO CG  HG2  sing N N 170 
PRO CG  HG3  sing N N 171 
PRO CD  HD2  sing N N 172 
PRO CD  HD3  sing N N 173 
PRO OXT HXT  sing N N 174 
SER N   CA   sing N N 175 
SER N   H    sing N N 176 
SER N   H2   sing N N 177 
SER CA  C    sing N N 178 
SER CA  CB   sing N N 179 
SER CA  HA   sing N N 180 
SER C   O    doub N N 181 
SER C   OXT  sing N N 182 
SER CB  OG   sing N N 183 
SER CB  HB2  sing N N 184 
SER CB  HB3  sing N N 185 
SER OG  HG   sing N N 186 
SER OXT HXT  sing N N 187 
THR N   CA   sing N N 188 
THR N   H    sing N N 189 
THR N   H2   sing N N 190 
THR CA  C    sing N N 191 
THR CA  CB   sing N N 192 
THR CA  HA   sing N N 193 
THR C   O    doub N N 194 
THR C   OXT  sing N N 195 
THR CB  OG1  sing N N 196 
THR CB  CG2  sing N N 197 
THR CB  HB   sing N N 198 
THR OG1 HG1  sing N N 199 
THR CG2 HG21 sing N N 200 
THR CG2 HG22 sing N N 201 
THR CG2 HG23 sing N N 202 
THR OXT HXT  sing N N 203 
TRP N   CA   sing N N 204 
TRP N   H    sing N N 205 
TRP N   H2   sing N N 206 
TRP CA  C    sing N N 207 
TRP CA  CB   sing N N 208 
TRP CA  HA   sing N N 209 
TRP C   O    doub N N 210 
TRP C   OXT  sing N N 211 
TRP CB  CG   sing N N 212 
TRP CB  HB2  sing N N 213 
TRP CB  HB3  sing N N 214 
TRP CG  CD1  doub Y N 215 
TRP CG  CD2  sing Y N 216 
TRP CD1 NE1  sing Y N 217 
TRP CD1 HD1  sing N N 218 
TRP CD2 CE2  doub Y N 219 
TRP CD2 CE3  sing Y N 220 
TRP NE1 CE2  sing Y N 221 
TRP NE1 HE1  sing N N 222 
TRP CE2 CZ2  sing Y N 223 
TRP CE3 CZ3  doub Y N 224 
TRP CE3 HE3  sing N N 225 
TRP CZ2 CH2  doub Y N 226 
TRP CZ2 HZ2  sing N N 227 
TRP CZ3 CH2  sing Y N 228 
TRP CZ3 HZ3  sing N N 229 
TRP CH2 HH2  sing N N 230 
TRP OXT HXT  sing N N 231 
TYR N   CA   sing N N 232 
TYR N   H    sing N N 233 
TYR N   H2   sing N N 234 
TYR CA  C    sing N N 235 
TYR CA  CB   sing N N 236 
TYR CA  HA   sing N N 237 
TYR C   O    doub N N 238 
TYR C   OXT  sing N N 239 
TYR CB  CG   sing N N 240 
TYR CB  HB2  sing N N 241 
TYR CB  HB3  sing N N 242 
TYR CG  CD1  doub Y N 243 
TYR CG  CD2  sing Y N 244 
TYR CD1 CE1  sing Y N 245 
TYR CD1 HD1  sing N N 246 
TYR CD2 CE2  doub Y N 247 
TYR CD2 HD2  sing N N 248 
TYR CE1 CZ   doub Y N 249 
TYR CE1 HE1  sing N N 250 
TYR CE2 CZ   sing Y N 251 
TYR CE2 HE2  sing N N 252 
TYR CZ  OH   sing N N 253 
TYR OH  HH   sing N N 254 
TYR OXT HXT  sing N N 255 
VAL N   CA   sing N N 256 
VAL N   H    sing N N 257 
VAL N   H2   sing N N 258 
VAL CA  C    sing N N 259 
VAL CA  CB   sing N N 260 
VAL CA  HA   sing N N 261 
VAL C   O    doub N N 262 
VAL C   OXT  sing N N 263 
VAL CB  CG1  sing N N 264 
VAL CB  CG2  sing N N 265 
VAL CB  HB   sing N N 266 
VAL CG1 HG11 sing N N 267 
VAL CG1 HG12 sing N N 268 
VAL CG1 HG13 sing N N 269 
VAL CG2 HG21 sing N N 270 
VAL CG2 HG22 sing N N 271 
VAL CG2 HG23 sing N N 272 
VAL OXT HXT  sing N N 273 
# 
loop_
_pdbx_audit_support.funding_organization 
_pdbx_audit_support.country 
_pdbx_audit_support.grant_number 
_pdbx_audit_support.ordinal 
'Biotechnology and Biological Sciences Research Council' 'United Kingdom' ? 1 
'British Heart Foundation'                               'United Kingdom' ? 2 
# 
_atom_sites.entry_id                    6SX1 
_atom_sites.Cartn_transf_matrix[1][1]   ? 
_atom_sites.Cartn_transf_matrix[1][2]   ? 
_atom_sites.Cartn_transf_matrix[1][3]   ? 
_atom_sites.Cartn_transf_matrix[2][1]   ? 
_atom_sites.Cartn_transf_matrix[2][2]   ? 
_atom_sites.Cartn_transf_matrix[2][3]   ? 
_atom_sites.Cartn_transf_matrix[3][1]   ? 
_atom_sites.Cartn_transf_matrix[3][2]   ? 
_atom_sites.Cartn_transf_matrix[3][3]   ? 
_atom_sites.Cartn_transf_vector[1]      ? 
_atom_sites.Cartn_transf_vector[2]      ? 
_atom_sites.Cartn_transf_vector[3]      ? 
_atom_sites.fract_transf_matrix[1][1]   -0.02648951 
_atom_sites.fract_transf_matrix[1][2]   -0.01059239 
_atom_sites.fract_transf_matrix[1][3]   -0.01684548 
_atom_sites.fract_transf_matrix[2][1]   -0.01192213 
_atom_sites.fract_transf_matrix[2][2]   -0.01130435 
_atom_sites.fract_transf_matrix[2][3]   0.02585568 
_atom_sites.fract_transf_matrix[3][1]   -0.00728335 
_atom_sites.fract_transf_matrix[3][2]   0.01389433 
_atom_sites.fract_transf_matrix[3][3]   0.00271636 
_atom_sites.fract_transf_vector[1]      -0.312856 
_atom_sites.fract_transf_vector[2]      0.095426 
_atom_sites.fract_transf_vector[3]      0.301464 
_atom_sites.solution_primary            ? 
_atom_sites.solution_secondary          ? 
_atom_sites.solution_hydrogens          ? 
_atom_sites.special_details             ? 
# 
loop_
_atom_type.symbol 
C 
N 
O 
# 
loop_
_atom_site.group_PDB 
_atom_site.id 
_atom_site.type_symbol 
_atom_site.label_atom_id 
_atom_site.label_alt_id 
_atom_site.label_comp_id 
_atom_site.label_asym_id 
_atom_site.label_entity_id 
_atom_site.label_seq_id 
_atom_site.pdbx_PDB_ins_code 
_atom_site.Cartn_x 
_atom_site.Cartn_y 
_atom_site.Cartn_z 
_atom_site.occupancy 
_atom_site.B_iso_or_equiv 
_atom_site.pdbx_formal_charge 
_atom_site.auth_seq_id 
_atom_site.auth_comp_id 
_atom_site.auth_asym_id 
_atom_site.auth_atom_id 
_atom_site.pdbx_PDB_model_num 
ATOM   1   N N   . GLY A 1 1  ? -10.102 -25.091 -0.279  1.00 28.94 0  1269 GLY A N   1 
ATOM   2   C CA  . GLY A 1 1  ? -11.000 -23.872 -0.289  1.00 16.02 0  1269 GLY A CA  1 
ATOM   3   C C   . GLY A 1 1  ? -10.221 -22.608 0.030   1.00 11.02 0  1269 GLY A C   1 
ATOM   4   O O   . GLY A 1 1  ? -10.457 -22.023 1.075   1.00 15.39 0  1269 GLY A O   1 
ATOM   5   N N   . GLN A 1 2  ? -9.371  -22.120 -0.850  1.00 11.18 0  1270 GLN A N   1 
ATOM   6   C CA  . GLN A 1 2  ? -8.442  -21.019 -0.507  1.00 11.73 0  1270 GLN A CA  1 
ATOM   7   C C   . GLN A 1 2  ? -8.937  -19.701 -1.096  1.00 9.91  0  1270 GLN A C   1 
ATOM   8   O O   . GLN A 1 2  ? -9.477  -19.665 -2.219  1.00 12.27 0  1270 GLN A O   1 
ATOM   9   C CB  . GLN A 1 2  ? -7.009  -21.341 -0.977  1.00 15.24 0  1270 GLN A CB  1 
ATOM   10  C CG  . GLN A 1 2  ? -6.422  -22.574 -0.264  1.00 21.01 0  1270 GLN A CG  1 
ATOM   11  C CD  . GLN A 1 2  ? -5.076  -22.968 -0.813  1.00 29.59 0  1270 GLN A CD  1 
ATOM   12  O OE1 . GLN A 1 2  ? -4.826  -22.928 -2.018  1.00 36.20 0  1270 GLN A OE1 1 
ATOM   13  N NE2 . GLN A 1 2  ? -4.209  -23.432 0.076   1.00 45.63 0  1270 GLN A NE2 1 
ATOM   14  N N   . THR A 1 3  ? -8.613  -18.634 -0.400  1.00 8.07  0  1271 THR A N   1 
ATOM   15  C CA  . THR A 1 3  ? -8.782  -17.272 -0.907  1.00 7.79  0  1271 THR A CA  1 
ATOM   16  C C   . THR A 1 3  ? -7.464  -16.805 -1.487  1.00 7.17  0  1271 THR A C   1 
ATOM   17  O O   . THR A 1 3  ? -6.388  -17.387 -1.227  1.00 8.81  0  1271 THR A O   1 
ATOM   18  C CB  . THR A 1 3  ? -9.228  -16.312 0.201   1.00 8.26  0  1271 THR A CB  1 
ATOM   19  O OG1 . THR A 1 3  ? -8.113  -16.171 1.083   1.00 8.23  0  1271 THR A OG1 1 
ATOM   20  C CG2 . THR A 1 3  ? -10.472 -16.735 0.955   1.00 7.82  0  1271 THR A CG2 1 
ATOM   21  N N   . ASP A 1 4  ? -7.503  -15.725 -2.240  1.00 7.76  0  1272 ASP A N   1 
ATOM   22  C CA  . ASP A 1 4  ? -6.261  -15.126 -2.760  1.00 7.72  0  1272 ASP A CA  1 
ATOM   23  C C   . ASP A 1 4  ? -5.353  -14.713 -1.605  1.00 7.71  0  1272 ASP A C   1 
ATOM   24  O O   . ASP A 1 4  ? -4.129  -14.738 -1.687  1.00 8.76  0  1272 ASP A O   1 
ATOM   25  C CB  . ASP A 1 4  ? -6.572  -14.020 -3.742  1.00 8.09  0  1272 ASP A CB  1 
ATOM   26  C CG  . ASP A 1 4  ? -7.185  -14.527 -5.031  1.00 8.92  0  1272 ASP A CG  1 
ATOM   27  O OD1 . ASP A 1 4  ? -7.005  -15.695 -5.342  1.00 11.63 0  1272 ASP A OD1 1 
ATOM   28  O OD2 . ASP A 1 4  ? -7.750  -13.694 -5.795  1.00 11.98 -1 1272 ASP A OD2 1 
ATOM   29  N N   . ALA A 1 5  ? -5.955  -14.166 -0.526  1.00 7.88  0  1273 ALA A N   1 
ATOM   30  C CA  . ALA A 1 5  ? -5.176  -13.746 0.658   1.00 8.33  0  1273 ALA A CA  1 
ATOM   31  C C   . ALA A 1 5  ? -4.507  -14.943 1.360   1.00 8.13  0  1273 ALA A C   1 
ATOM   32  O O   . ALA A 1 5  ? -3.518  -14.738 2.064   1.00 10.32 0  1273 ALA A O   1 
ATOM   33  C CB  . ALA A 1 5  ? -6.036  -12.959 1.597   1.00 8.77  0  1273 ALA A CB  1 
ATOM   34  N N   . ASP A 1 6  ? -4.976  -16.158 1.096   1.00 7.37  0  1274 ASP A N   1 
ATOM   35  C CA  . ASP A 1 6  ? -4.296  -17.363 1.613   1.00 8.37  0  1274 ASP A CA  1 
ATOM   36  C C   . ASP A 1 6  ? -3.031  -17.626 0.800   1.00 8.46  0  1274 ASP A C   1 
ATOM   37  O O   . ASP A 1 6  ? -2.266  -18.459 1.234   1.00 9.71  0  1274 ASP A O   1 
ATOM   38  C CB  . ASP A 1 6  ? -5.224  -18.579 1.576   1.00 8.94  0  1274 ASP A CB  1 
ATOM   39  C CG  . ASP A 1 6  ? -6.406  -18.526 2.508   1.00 11.19 0  1274 ASP A CG  1 
ATOM   40  O OD1 . ASP A 1 6  ? -6.246  -17.910 3.566   1.00 12.30 0  1274 ASP A OD1 1 
ATOM   41  O OD2 . ASP A 1 6  ? -7.390  -19.192 2.162   1.00 11.40 -1 1274 ASP A OD2 1 
ATOM   42  N N   . LYS A 1 7  ? -2.903  -17.080 -0.393  1.00 9.29  0  1275 LYS A N   1 
ATOM   43  C CA  . LYS A 1 7  ? -1.854  -17.508 -1.346  1.00 8.75  0  1275 LYS A CA  1 
ATOM   44  C C   . LYS A 1 7  ? -0.736  -16.491 -1.541  1.00 9.04  0  1275 LYS A C   1 
ATOM   45  O O   . LYS A 1 7  ? 0.389   -16.857 -1.726  1.00 10.79 0  1275 LYS A O   1 
ATOM   46  C CB  . LYS A 1 7  ? -2.525  -17.777 -2.684  1.00 9.19  0  1275 LYS A CB  1 
ATOM   47  C CG  . LYS A 1 7  ? -3.592  -18.837 -2.699  1.00 11.92 0  1275 LYS A CG  1 
ATOM   48  C CD  . LYS A 1 7  ? -4.219  -18.841 -4.091  1.00 15.70 0  1275 LYS A CD  1 
ATOM   49  C CE  . LYS A 1 7  ? -5.174  -19.958 -4.222  1.00 17.48 0  1275 LYS A CE  1 
ATOM   50  N NZ  . LYS A 1 7  ? -5.695  -19.905 -5.579  1.00 14.29 1  1275 LYS A NZ  1 
ATOM   51  N N   . TYR A 1 8  ? -1.086  -15.188 -1.545  1.00 7.72  0  1276 TYR A N   1 
ATOM   52  C CA  . TYR A 1 8  ? -0.152  -14.114 -1.963  1.00 7.69  0  1276 TYR A CA  1 
ATOM   53  C C   . TYR A 1 8  ? 0.384   -13.425 -0.741  1.00 7.93  0  1276 TYR A C   1 
ATOM   54  O O   . TYR A 1 8  ? -0.309  -13.279 0.254   1.00 8.24  0  1276 TYR A O   1 
ATOM   55  C CB  . TYR A 1 8  ? -0.810  -13.151 -2.935  1.00 7.71  0  1276 TYR A CB  1 
ATOM   56  C CG  . TYR A 1 8  ? -1.132  -13.795 -4.248  1.00 8.07  0  1276 TYR A CG  1 
ATOM   57  C CD1 . TYR A 1 8  ? -0.172  -13.928 -5.221  1.00 7.99  0  1276 TYR A CD1 1 
ATOM   58  C CD2 . TYR A 1 8  ? -2.391  -14.278 -4.510  1.00 8.23  0  1276 TYR A CD2 1 
ATOM   59  C CE1 . TYR A 1 8  ? -0.463  -14.552 -6.420  1.00 9.68  0  1276 TYR A CE1 1 
ATOM   60  C CE2 . TYR A 1 8  ? -2.680  -14.922 -5.692  1.00 8.30  0  1276 TYR A CE2 1 
ATOM   61  C CZ  . TYR A 1 8  ? -1.700  -15.103 -6.656  1.00 8.00  0  1276 TYR A CZ  1 
ATOM   62  O OH  . TYR A 1 8  ? -1.935  -15.726 -7.847  1.00 9.28  0  1276 TYR A OH  1 
ATOM   63  N N   . THR A 1 9  ? 1.576   -12.858 -0.862  1.00 8.41  0  1277 THR A N   1 
ATOM   64  C CA  . THR A 1 9  ? 2.278   -12.185 0.245   1.00 8.50  0  1277 THR A CA  1 
ATOM   65  C C   . THR A 1 9  ? 2.807   -10.843 -0.235  1.00 7.67  0  1277 THR A C   1 
ATOM   66  O O   . THR A 1 9  ? 3.930   -10.739 -0.694  1.00 9.92  0  1277 THR A O   1 
ATOM   67  C CB  . THR A 1 9  ? 3.413   -13.082 0.743   1.00 9.97  0  1277 THR A CB  1 
ATOM   68  O OG1 . THR A 1 9  ? 2.948   -14.460 0.863   1.00 15.52 0  1277 THR A OG1 1 
ATOM   69  C CG2 . THR A 1 9  ? 3.903   -12.646 2.092   1.00 14.55 0  1277 THR A CG2 1 
ATOM   70  N N   . PRO A 1 10 ? 2.003   -9.780  -0.202  1.00 7.50  0  1278 PRO A N   1 
ATOM   71  C CA  . PRO A 1 10 ? 2.499   -8.464  -0.600  1.00 8.16  0  1278 PRO A CA  1 
ATOM   72  C C   . PRO A 1 10 ? 3.609   -8.018  0.337   1.00 8.17  0  1278 PRO A C   1 
ATOM   73  O O   . PRO A 1 10 ? 3.541   -8.310  1.519   1.00 11.34 0  1278 PRO A O   1 
ATOM   74  C CB  . PRO A 1 10 ? 1.310   -7.545  -0.486  1.00 10.35 0  1278 PRO A CB  1 
ATOM   75  C CG  . PRO A 1 10 ? 0.111   -8.438  -0.372  1.00 11.60 0  1278 PRO A CG  1 
ATOM   76  C CD  . PRO A 1 10 ? 0.591   -9.760  0.185   1.00 10.17 0  1278 PRO A CD  1 
ATOM   77  N N   . GLU A 1 11 ? 4.572   -7.296  -0.219  1.00 9.73  0  1279 GLU A N   1 
ATOM   78  C CA  . GLU A 1 11 ? 5.731   -6.732  0.485   1.00 12.62 0  1279 GLU A CA  1 
ATOM   79  C C   . GLU A 1 11 ? 5.600   -5.211  0.592   1.00 8.40  0  1279 GLU A C   1 
ATOM   80  O O   . GLU A 1 11 ? 5.383   -4.544  -0.410  1.00 8.82  0  1279 GLU A O   1 
ATOM   81  C CB  . GLU A 1 11 ? 6.982   -7.089  -0.335  1.00 18.70 0  1279 GLU A CB  1 
ATOM   82  C CG  . GLU A 1 11 ? 8.253   -6.294  -0.100  1.00 26.15 0  1279 GLU A CG  1 
ATOM   83  C CD  . GLU A 1 11 ? 9.420   -6.609  -1.027  1.00 33.93 0  1279 GLU A CD  1 
ATOM   84  O OE1 . GLU A 1 11 ? 9.315   -6.422  -2.275  1.00 24.94 0  1279 GLU A OE1 1 
ATOM   85  O OE2 . GLU A 1 11 ? 10.465  -7.007  -0.478  1.00 53.60 -1 1279 GLU A OE2 1 
ATOM   86  N N   . ALA A 1 12 ? 5.815   -4.721  1.788   1.00 9.78  0  1280 ALA A N   1 
ATOM   87  C CA  . ALA A 1 12 ? 5.874   -3.282  2.007   1.00 10.54 0  1280 ALA A CA  1 
ATOM   88  C C   . ALA A 1 12 ? 7.045   -2.677  1.271   1.00 9.06  0  1280 ALA A C   1 
ATOM   89  O O   . ALA A 1 12 ? 8.105   -3.232  1.233   1.00 9.98  0  1280 ALA A O   1 
ATOM   90  C CB  . ALA A 1 12 ? 5.996   -2.995  3.482   1.00 12.58 0  1280 ALA A CB  1 
ATOM   91  N N   . LYS A 1 13 ? 6.823   -1.490  0.710   1.00 10.69 0  1281 LYS A N   1 
ATOM   92  C CA  . LYS A 1 13 ? 7.909   -0.621  0.169   1.00 10.84 0  1281 LYS A CA  1 
ATOM   93  C C   . LYS A 1 13 ? 7.670   0.778   0.774   1.00 10.71 0  1281 LYS A C   1 
ATOM   94  O O   . LYS A 1 13 ? 6.654   1.405   0.556   1.00 11.16 0  1281 LYS A O   1 
ATOM   95  C CB  . LYS A 1 13 ? 7.804   -0.500  -1.363  1.00 11.96 0  1281 LYS A CB  1 
ATOM   96  C CG  . LYS A 1 13 ? 8.871   0.361   -2.006  1.00 14.69 0  1281 LYS A CG  1 
ATOM   97  C CD  . LYS A 1 13 ? 10.322  -0.136  -1.887  1.00 14.93 0  1281 LYS A CD  1 
ATOM   98  C CE  . LYS A 1 13 ? 11.360  0.909   -2.270  1.00 15.61 0  1281 LYS A CE  1 
ATOM   99  N NZ  . LYS A 1 13 ? 11.514  2.017   -1.319  1.00 13.73 1  1281 LYS A NZ  1 
ATOM   100 N N   . ASP A 1 14 ? 8.631   1.217   1.562   1.00 10.78 0  1282 ASP A N   1 
ATOM   101 C CA  . ASP A 1 14 ? 8.586   2.583   2.121   1.00 11.94 0  1282 ASP A CA  1 
ATOM   102 C C   . ASP A 1 14 ? 8.787   3.531   0.972   1.00 12.42 0  1282 ASP A C   1 
ATOM   103 O O   . ASP A 1 14 ? 9.515   3.269   -0.011  1.00 16.01 0  1282 ASP A O   1 
ATOM   104 C CB  . ASP A 1 14 ? 9.612   2.727   3.227   1.00 13.30 0  1282 ASP A CB  1 
ATOM   105 C CG  . ASP A 1 14 ? 9.354   1.835   4.447   1.00 14.58 0  1282 ASP A CG  1 
ATOM   106 O OD1 . ASP A 1 14 ? 8.229   1.277   4.631   1.00 14.76 0  1282 ASP A OD1 1 
ATOM   107 O OD2 . ASP A 1 14 ? 10.337  1.656   5.213   1.00 25.55 -1 1282 ASP A OD2 1 
ATOM   108 N N   . ILE A 1 15 ? 8.160   4.680   1.128   1.00 10.51 0  1283 ILE A N   1 
ATOM   109 C CA  . ILE A 1 15 ? 8.300   5.690   0.066   1.00 13.35 0  1283 ILE A CA  1 
ATOM   110 C C   . ILE A 1 15 ? 8.619   7.056   0.594   1.00 10.48 0  1283 ILE A C   1 
ATOM   111 O O   . ILE A 1 15 ? 8.546   7.296   1.808   1.00 11.91 0  1283 ILE A O   1 
ATOM   112 C CB  . ILE A 1 15 ? 7.064   5.734   -0.776  1.00 13.51 0  1283 ILE A CB  1 
ATOM   113 C CG1 . ILE A 1 15 ? 5.911   6.172   0.072   1.00 11.97 0  1283 ILE A CG1 1 
ATOM   114 C CG2 . ILE A 1 15 ? 6.850   4.395   -1.453  1.00 16.09 0  1283 ILE A CG2 1 
ATOM   115 C CD1 . ILE A 1 15 ? 4.636   6.478   -0.686  1.00 20.19 0  1283 ILE A CD1 1 
ATOM   116 N N   . THR A 1 16 ? 9.112   7.863   -0.317  1.00 10.41 0  1284 THR A N   1 
ATOM   117 C CA  . THR A 1 16 ? 9.452   9.236   0.073   1.00 11.15 0  1284 THR A CA  1 
ATOM   118 C C   . THR A 1 16 ? 8.799   10.187  -0.908  1.00 9.03  0  1284 THR A C   1 
ATOM   119 O O   . THR A 1 16 ? 8.741   9.937   -2.115  1.00 11.08 0  1284 THR A O   1 
ATOM   120 C CB  . THR A 1 16 ? 10.954  9.450   0.219   1.00 13.86 0  1284 THR A CB  1 
ATOM   121 O OG1 . THR A 1 16 ? 11.225  10.736  0.778   1.00 14.57 0  1284 THR A OG1 1 
ATOM   122 C CG2 . THR A 1 16 ? 11.664  9.320   -1.099  1.00 14.20 0  1284 THR A CG2 1 
ATOM   123 N N   . VAL A 1 17 ? 8.277   11.251  -0.348  1.00 8.20  0  1285 VAL A N   1 
ATOM   124 C CA  . VAL A 1 17 ? 7.483   12.231  -1.082  1.00 8.16  0  1285 VAL A CA  1 
ATOM   125 C C   . VAL A 1 17 ? 7.814   13.609  -0.536  1.00 8.38  0  1285 VAL A C   1 
ATOM   126 O O   . VAL A 1 17 ? 8.271   13.742  0.599   1.00 9.61  0  1285 VAL A O   1 
ATOM   127 C CB  . VAL A 1 17 ? 5.989   11.918  -0.918  1.00 9.79  0  1285 VAL A CB  1 
ATOM   128 C CG1 . VAL A 1 17 ? 5.611   10.530  -1.414  1.00 14.20 0  1285 VAL A CG1 1 
ATOM   129 C CG2 . VAL A 1 17 ? 5.558   12.128  0.523   1.00 10.55 0  1285 VAL A CG2 1 
ATOM   130 N N   . THR A 1 18 ? 7.536   14.617  -1.325  1.00 8.53  0  1286 THR A N   1 
ATOM   131 C CA  . THR A 1 18 ? 7.485   16.008  -0.847  1.00 9.77  0  1286 THR A CA  1 
ATOM   132 C C   . THR A 1 18 ? 6.175   16.244  -0.124  1.00 8.94  0  1286 THR A C   1 
ATOM   133 O O   . THR A 1 18 ? 5.194   15.532  -0.337  1.00 10.33 0  1286 THR A O   1 
ATOM   134 C CB  . THR A 1 18 ? 7.704   17.001  -1.980  1.00 12.69 0  1286 THR A CB  1 
ATOM   135 O OG1 . THR A 1 18 ? 6.601   16.832  -2.870  1.00 18.89 0  1286 THR A OG1 1 
ATOM   136 C CG2 . THR A 1 18 ? 9.033   16.827  -2.695  1.00 14.47 0  1286 THR A CG2 1 
ATOM   137 N N   . PRO A 1 19 ? 6.091   17.318  0.698   1.00 8.92  0  1287 PRO A N   1 
ATOM   138 C CA  . PRO A 1 19 ? 4.810   17.641  1.296   1.00 9.10  0  1287 PRO A CA  1 
ATOM   139 C C   . PRO A 1 19 ? 3.765   17.841  0.207   1.00 8.34  0  1287 PRO A C   1 
ATOM   140 O O   . PRO A 1 19 ? 4.057   18.423  -0.842  1.00 10.22 0  1287 PRO A O   1 
ATOM   141 C CB  . PRO A 1 19 ? 5.045   18.923  2.101   1.00 10.01 0  1287 PRO A CB  1 
ATOM   142 C CG  . PRO A 1 19 ? 6.529   18.847  2.445   1.00 10.61 0  1287 PRO A CG  1 
ATOM   143 C CD  . PRO A 1 19 ? 7.172   18.164  1.233   1.00 11.25 0  1287 PRO A CD  1 
ATOM   144 N N   . GLY A 1 20 ? 2.577   17.297  0.402   1.00 8.93  0  1288 GLY A N   1 
ATOM   145 C CA  . GLY A 1 20 ? 1.571   17.313  -0.646  1.00 10.39 0  1288 GLY A CA  1 
ATOM   146 C C   . GLY A 1 20 ? 0.411   16.435  -0.235  1.00 10.79 0  1288 GLY A C   1 
ATOM   147 O O   . GLY A 1 20 ? 0.370   15.859  0.857   1.00 11.34 0  1288 GLY A O   1 
ATOM   148 N N   . PRO A 1 21 ? -0.529  16.282  -1.156  1.00 10.28 0  1289 PRO A N   1 
ATOM   149 C CA  . PRO A 1 21 ? -1.670  15.424  -0.876  1.00 10.25 0  1289 PRO A CA  1 
ATOM   150 C C   . PRO A 1 21 ? -1.233  13.963  -0.774  1.00 9.85  0  1289 PRO A C   1 
ATOM   151 O O   . PRO A 1 21 ? -0.209  13.545  -1.280  1.00 12.64 0  1289 PRO A O   1 
ATOM   152 C CB  . PRO A 1 21 ? -2.638  15.781  -2.022  1.00 15.63 0  1289 PRO A CB  1 
ATOM   153 C CG  . PRO A 1 21 ? -1.782  16.329  -3.104  1.00 15.70 0  1289 PRO A CG  1 
ATOM   154 C CD  . PRO A 1 21 ? -0.580  16.958  -2.456  1.00 10.89 0  1289 PRO A CD  1 
ATOM   155 N N   . THR A 1 22 ? -2.101  13.159  -0.195  1.00 9.99  0  1290 THR A N   1 
ATOM   156 C CA  . THR A 1 22 ? -1.837  11.740  0.086   1.00 9.82  0  1290 THR A CA  1 
ATOM   157 C C   . THR A 1 22 ? -1.292  11.049  -1.170  1.00 9.49  0  1290 THR A C   1 
ATOM   158 O O   . THR A 1 22 ? -1.877  11.162  -2.214  1.00 12.41 0  1290 THR A O   1 
ATOM   159 C CB  . THR A 1 22 ? -3.095  11.021  0.555   1.00 10.77 0  1290 THR A CB  1 
ATOM   160 O OG1 . THR A 1 22 ? -3.519  11.734  1.734   1.00 12.18 0  1290 THR A OG1 1 
ATOM   161 C CG2 . THR A 1 22 ? -2.909  9.549   0.825   1.00 12.07 0  1290 THR A CG2 1 
ATOM   162 N N   . PRO A 1 23 ? -0.193  10.304  -1.086  1.00 9.83  0  1291 PRO A N   1 
ATOM   163 C CA  . PRO A 1 23 ? 0.357   9.682   -2.266  1.00 9.94  0  1291 PRO A CA  1 
ATOM   164 C C   . PRO A 1 23 ? -0.419  8.478   -2.808  1.00 7.79  0  1291 PRO A C   1 
ATOM   165 O O   . PRO A 1 23 ? -1.347  7.952   -2.182  1.00 9.16  0  1291 PRO A O   1 
ATOM   166 C CB  . PRO A 1 23 ? 1.761   9.265   -1.873  1.00 14.00 0  1291 PRO A CB  1 
ATOM   167 C CG  . PRO A 1 23 ? 1.833   9.369   -0.388  1.00 12.81 0  1291 PRO A CG  1 
ATOM   168 C CD  . PRO A 1 23 ? 0.659   10.197  0.079   1.00 11.35 0  1291 PRO A CD  1 
ATOM   169 N N   . ASP A 1 24 ? -0.045  8.073   -3.992  1.00 7.88  0  1292 ASP A N   1 
ATOM   170 C CA  . ASP A 1 24 ? -0.617  6.911   -4.677  1.00 7.48  0  1292 ASP A CA  1 
ATOM   171 C C   . ASP A 1 24 ? -0.270  5.647   -3.895  1.00 6.94  0  1292 ASP A C   1 
ATOM   172 O O   . ASP A 1 24 ? 0.904   5.291   -3.775  1.00 7.91  0  1292 ASP A O   1 
ATOM   173 C CB  . ASP A 1 24 ? -0.037  6.897   -6.083  1.00 7.51  0  1292 ASP A CB  1 
ATOM   174 C CG  . ASP A 1 24 ? -0.495  5.770   -6.979  1.00 7.51  0  1292 ASP A CG  1 
ATOM   175 O OD1 . ASP A 1 24 ? -1.007  4.769   -6.487  1.00 7.90  0  1292 ASP A OD1 1 
ATOM   176 O OD2 . ASP A 1 24 ? -0.353  5.977   -8.226  1.00 8.84  -1 1292 ASP A OD2 1 
ATOM   177 N N   . PRO A 1 25 ? -1.272  4.892   -3.379  1.00 7.25  0  1293 PRO A N   1 
ATOM   178 C CA  . PRO A 1 25 ? -0.969  3.730   -2.536  1.00 7.68  0  1293 PRO A CA  1 
ATOM   179 C C   . PRO A 1 25 ? -0.269  2.571   -3.270  1.00 8.24  0  1293 PRO A C   1 
ATOM   180 O O   . PRO A 1 25 ? 0.315   1.741   -2.593  1.00 8.16  0  1293 PRO A O   1 
ATOM   181 C CB  . PRO A 1 25 ? -2.324  3.327   -1.979  1.00 8.00  0  1293 PRO A CB  1 
ATOM   182 C CG  . PRO A 1 25 ? -3.343  3.823   -2.977  1.00 8.15  0  1293 PRO A CG  1 
ATOM   183 C CD  . PRO A 1 25 ? -2.718  5.089   -3.531  1.00 7.43  0  1293 PRO A CD  1 
ATOM   184 N N   . ALA A 1 26 ? -0.393  2.501   -4.583  1.00 9.38  0  1294 ALA A N   1 
ATOM   185 C CA  . ALA A 1 26 ? 0.319   1.426   -5.318  1.00 8.22  0  1294 ALA A CA  1 
ATOM   186 C C   . ALA A 1 26 ? 1.816   1.575   -5.050  1.00 8.06  0  1294 ALA A C   1 
ATOM   187 O O   . ALA A 1 26 ? 2.565   0.550   -5.138  1.00 9.48  0  1294 ALA A O   1 
ATOM   188 C CB  . ALA A 1 26 ? -0.011  1.480   -6.786  1.00 8.31  0  1294 ALA A CB  1 
ATOM   189 N N   . GLU A 1 27 ? 2.318   2.745   -4.744  1.00 8.22  0  1295 GLU A N   1 
ATOM   190 C CA  . GLU A 1 27 ? 3.750   2.968   -4.529  1.00 9.62  0  1295 GLU A CA  1 
ATOM   191 C C   . GLU A 1 27 ? 4.234   2.271   -3.263  1.00 9.49  0  1295 GLU A C   1 
ATOM   192 O O   . GLU A 1 27 ? 5.442   2.039   -3.136  1.00 11.46 0  1295 GLU A O   1 
ATOM   193 C CB  . GLU A 1 27 ? 4.005   4.469   -4.374  1.00 12.28 0  1295 GLU A CB  1 
ATOM   194 C CG  . GLU A 1 27 ? 3.758   5.308   -5.592  1.00 16.58 0  1295 GLU A CG  1 
ATOM   195 C CD  . GLU A 1 27 ? 4.050   6.793   -5.298  1.00 27.90 0  1295 GLU A CD  1 
ATOM   196 O OE1 . GLU A 1 27 ? 4.936   7.054   -4.419  1.00 37.07 0  1295 GLU A OE1 1 
ATOM   197 O OE2 . GLU A 1 27 ? 3.401   7.740   -5.929  1.00 51.08 -1 1295 GLU A OE2 1 
ATOM   198 N N   . GLY A 1 28 ? 3.355   1.888   -2.364  1.00 9.35  0  1296 GLY A N   1 
ATOM   199 C CA  . GLY A 1 28 ? 3.758   1.280   -1.088  1.00 9.50  0  1296 GLY A CA  1 
ATOM   200 C C   . GLY A 1 28 ? 3.880   -0.241  -1.111  1.00 8.09  0  1296 GLY A C   1 
ATOM   201 O O   . GLY A 1 28 ? 4.130   -0.791  -0.048  1.00 8.92  0  1296 GLY A O   1 
ATOM   202 N N   . ILE A 1 29 ? 3.625   -0.880  -2.266  1.00 8.06  0  1297 ILE A N   1 
ATOM   203 C CA  . ILE A 1 29 ? 3.796   -2.341  -2.416  1.00 8.01  0  1297 ILE A CA  1 
ATOM   204 C C   . ILE A 1 29 ? 4.984   -2.527  -3.353  1.00 7.58  0  1297 ILE A C   1 
ATOM   205 O O   . ILE A 1 29 ? 5.032   -2.005  -4.447  1.00 7.84  0  1297 ILE A O   1 
ATOM   206 C CB  . ILE A 1 29 ? 2.480   -2.983  -2.897  1.00 8.55  0  1297 ILE A CB  1 
ATOM   207 C CG1 . ILE A 1 29 ? 1.311   -2.728  -1.944  1.00 7.83  0  1297 ILE A CG1 1 
ATOM   208 C CG2 . ILE A 1 29 ? 2.710   -4.498  -3.116  1.00 8.61  0  1297 ILE A CG2 1 
ATOM   209 C CD1 . ILE A 1 29 ? 1.520   -3.226  -0.505  1.00 8.40  0  1297 ILE A CD1 1 
ATOM   210 N N   . GLY A 1 30 ? 5.926   -3.356  -2.882  1.00 7.70  0  1298 GLY A N   1 
ATOM   211 C CA  . GLY A 1 30 ? 7.204   -3.521  -3.590  1.00 7.40  0  1298 GLY A CA  1 
ATOM   212 C C   . GLY A 1 30 ? 7.252   -4.752  -4.488  1.00 9.43  0  1298 GLY A C   1 
ATOM   213 O O   . GLY A 1 30 ? 8.280   -4.929  -5.167  1.00 10.96 0  1298 GLY A O   1 
ATOM   214 N N   . ASN A 1 31 ? 6.207   -5.579  -4.510  1.00 9.63  0  1299 ASN A N   1 
ATOM   215 C CA  . ASN A 1 31 ? 6.248   -6.826  -5.311  1.00 11.63 0  1299 ASN A CA  1 
ATOM   216 C C   . ASN A 1 31 ? 4.957   -6.965  -6.114  1.00 10.68 0  1299 ASN A C   1 
ATOM   217 O O   . ASN A 1 31 ? 4.399   -8.079  -6.234  1.00 10.75 0  1299 ASN A O   1 
ATOM   218 C CB  . ASN A 1 31 ? 6.555   -8.083  -4.464  1.00 11.83 0  1299 ASN A CB  1 
ATOM   219 C CG  . ASN A 1 31 ? 5.491   -8.372  -3.428  1.00 10.92 0  1299 ASN A CG  1 
ATOM   220 O OD1 . ASN A 1 31 ? 4.669   -7.452  -3.100  1.00 10.52 0  1299 ASN A OD1 1 
ATOM   221 N ND2 . ASN A 1 31 ? 5.518   -9.588  -2.908  1.00 11.38 0  1299 ASN A ND2 1 
ATOM   222 N N   . LYS A 1 32 ? 4.436   -5.830  -6.630  1.00 8.92  0  1300 LYS A N   1 
ATOM   223 C CA  . LYS A 1 32 ? 3.149   -5.871  -7.346  1.00 8.59  0  1300 LYS A CA  1 
ATOM   224 C C   . LYS A 1 32 ? 3.157   -6.842  -8.509  1.00 9.82  0  1300 LYS A C   1 
ATOM   225 O O   . LYS A 1 32 ? 2.111   -7.454  -8.775  1.00 11.33 0  1300 LYS A O   1 
ATOM   226 C CB  . LYS A 1 32 ? 2.802   -4.479  -7.839  1.00 8.56  0  1300 LYS A CB  1 
ATOM   227 C CG  . LYS A 1 32 ? 2.484   -3.497  -6.720  1.00 9.26  0  1300 LYS A CG  1 
ATOM   228 C CD  . LYS A 1 32 ? 2.060   -2.121  -7.207  1.00 9.29  0  1300 LYS A CD  1 
ATOM   229 C CE  . LYS A 1 32 ? 3.130   -1.291  -7.862  1.00 10.05 0  1300 LYS A CE  1 
ATOM   230 N NZ  . LYS A 1 32 ? 4.239   -0.986  -6.928  1.00 8.70  1  1300 LYS A NZ  1 
ATOM   231 N N   . ASP A 1 33 ? 4.320   -7.057  -9.136  1.00 14.17 0  1301 ASP A N   1 
ATOM   232 C CA  . ASP A 1 33 ? 4.496   -8.012  -10.277 1.00 17.52 0  1301 ASP A CA  1 
ATOM   233 C C   . ASP A 1 33 ? 4.231   -9.458  -9.851  1.00 16.36 0  1301 ASP A C   1 
ATOM   234 O O   . ASP A 1 33 ? 4.085   -10.317 -10.746 1.00 23.27 0  1301 ASP A O   1 
ATOM   235 C CB  . ASP A 1 33 ? 5.861   -7.813  -10.950 1.00 26.24 0  1301 ASP A CB  1 
ATOM   236 C CG  . ASP A 1 33 ? 5.710   -7.076  -12.277 1.00 41.90 0  1301 ASP A CG  1 
ATOM   237 O OD1 . ASP A 1 33 ? 4.876   -7.526  -13.109 1.00 55.44 0  1301 ASP A OD1 1 
ATOM   238 O OD2 . ASP A 1 33 ? 6.421   -6.064  -12.487 1.00 59.70 -1 1301 ASP A OD2 1 
ATOM   239 N N   . THR A 1 34 ? 4.245   -9.760  -8.562  1.00 12.97 0  1302 THR A N   1 
ATOM   240 C CA  . THR A 1 34 ? 4.000   -11.133 -8.089  1.00 14.87 0  1302 THR A CA  1 
ATOM   241 C C   . THR A 1 34 ? 2.505   -11.373 -7.886  1.00 13.02 0  1302 THR A C   1 
ATOM   242 O O   . THR A 1 34 ? 2.107   -12.512 -7.683  1.00 12.69 0  1302 THR A O   1 
ATOM   243 C CB  . THR A 1 34 ? 4.803   -11.436 -6.826  1.00 19.64 0  1302 THR A CB  1 
ATOM   244 O OG1 . THR A 1 34 ? 4.177   -10.823 -5.695  1.00 16.18 0  1302 THR A OG1 1 
ATOM   245 C CG2 . THR A 1 34 ? 6.258   -11.055 -7.023  1.00 22.43 0  1302 THR A CG2 1 
ATOM   246 N N   . LEU A 1 35 ? 1.694   -10.300 -7.812  1.00 9.57  0  1303 LEU A N   1 
ATOM   247 C CA  . LEU A 1 35 ? 0.287   -10.394 -7.407  1.00 8.63  0  1303 LEU A CA  1 
ATOM   248 C C   . LEU A 1 35 ? -0.578  -10.544 -8.637  1.00 8.52  0  1303 LEU A C   1 
ATOM   249 O O   . LEU A 1 35 ? -0.184  -10.181 -9.757  1.00 9.68  0  1303 LEU A O   1 
ATOM   250 C CB  . LEU A 1 35 ? -0.076  -9.117  -6.613  1.00 8.53  0  1303 LEU A CB  1 
ATOM   251 C CG  . LEU A 1 35 ? 0.841   -8.819  -5.418  1.00 8.43  0  1303 LEU A CG  1 
ATOM   252 C CD1 . LEU A 1 35 ? 0.405   -7.555  -4.704  1.00 9.02  0  1303 LEU A CD1 1 
ATOM   253 C CD2 . LEU A 1 35 ? 0.896   -10.003 -4.424  1.00 8.52  0  1303 LEU A CD2 1 
ATOM   254 N N   . PRO A 1 36 ? -1.795  -11.063 -8.502  1.00 8.50  0  1304 PRO A N   1 
ATOM   255 C CA  . PRO A 1 36 ? -2.642  -11.244 -9.658  1.00 9.28  0  1304 PRO A CA  1 
ATOM   256 C C   . PRO A 1 36 ? -2.947  -9.915  -10.322 1.00 10.03 0  1304 PRO A C   1 
ATOM   257 O O   . PRO A 1 36 ? -3.173  -8.869  -9.637  1.00 11.06 0  1304 PRO A O   1 
ATOM   258 C CB  . PRO A 1 36 ? -3.950  -11.805 -9.101  1.00 13.36 0  1304 PRO A CB  1 
ATOM   259 C CG  . PRO A 1 36 ? -3.649  -12.258 -7.749  1.00 11.74 0  1304 PRO A CG  1 
ATOM   260 C CD  . PRO A 1 36 ? -2.415  -11.522 -7.262  1.00 8.73  0  1304 PRO A CD  1 
ATOM   261 N N   A SER A 1 37 ? -3.067  -9.908  -11.632 0.50 10.55 0  1305 SER A N   1 
ATOM   262 N N   B SER A 1 37 ? -3.113  -9.937  -11.626 0.50 10.26 0  1305 SER A N   1 
ATOM   263 C CA  A SER A 1 37 ? -3.643  -8.710  -12.287 0.50 10.24 0  1305 SER A CA  1 
ATOM   264 C CA  B SER A 1 37 ? -3.665  -8.777  -12.370 0.50 9.31  0  1305 SER A CA  1 
ATOM   265 C C   A SER A 1 37 ? -5.050  -8.558  -11.717 0.50 9.60  0  1305 SER A C   1 
ATOM   266 C C   B SER A 1 37 ? -5.118  -8.566  -11.920 0.50 9.46  0  1305 SER A C   1 
ATOM   267 O O   A SER A 1 37 ? -5.708  -9.506  -11.288 0.50 11.47 0  1305 SER A O   1 
ATOM   268 O O   B SER A 1 37 ? -5.906  -9.521  -11.832 0.50 12.24 0  1305 SER A O   1 
ATOM   269 C CB  A SER A 1 37 ? -3.645  -8.788  -13.786 0.50 12.32 0  1305 SER A CB  1 
ATOM   270 C CB  B SER A 1 37 ? -3.543  -9.034  -13.836 0.50 9.80  0  1305 SER A CB  1 
ATOM   271 O OG  A SER A 1 37 ? -4.376  -9.924  -14.234 0.50 15.36 0  1305 SER A OG  1 
ATOM   272 O OG  B SER A 1 37 ? -2.180  -9.185  -14.210 0.50 9.70  0  1305 SER A OG  1 
ATOM   273 N N   . GLY A 1 38 ? -5.461  -7.347  -11.595 1.00 10.01 0  1306 GLY A N   1 
ATOM   274 C CA  . GLY A 1 38 ? -6.786  -7.044  -11.008 1.00 11.68 0  1306 GLY A CA  1 
ATOM   275 C C   . GLY A 1 38 ? -6.757  -6.883  -9.501  1.00 9.36  0  1306 GLY A C   1 
ATOM   276 O O   . GLY A 1 38 ? -7.769  -6.536  -8.914  1.00 13.52 0  1306 GLY A O   1 
ATOM   277 N N   . THR A 1 39 ? -5.606  -6.991  -8.894  1.00 7.73  0  1307 THR A N   1 
ATOM   278 C CA  . THR A 1 39 ? -5.351  -6.593  -7.523  1.00 7.08  0  1307 THR A CA  1 
ATOM   279 C C   . THR A 1 39 ? -5.424  -5.058  -7.428  1.00 7.08  0  1307 THR A C   1 
ATOM   280 O O   . THR A 1 39 ? -4.902  -4.378  -8.281  1.00 8.30  0  1307 THR A O   1 
ATOM   281 C CB  . THR A 1 39 ? -4.010  -7.108  -7.021  1.00 7.55  0  1307 THR A CB  1 
ATOM   282 O OG1 . THR A 1 39 ? -4.006  -8.540  -7.055  1.00 9.54  0  1307 THR A OG1 1 
ATOM   283 C CG2 . THR A 1 39 ? -3.697  -6.679  -5.605  1.00 8.58  0  1307 THR A CG2 1 
ATOM   284 N N   . LYS A 1 40 ? -6.103  -4.553  -6.408  1.00 7.64  0  1308 LYS A N   1 
ATOM   285 C CA  . LYS A 1 40 ? -6.300  -3.090  -6.235  1.00 8.86  0  1308 LYS A CA  1 
ATOM   286 C C   . LYS A 1 40 ? -5.596  -2.694  -4.963  1.00 7.82  0  1308 LYS A C   1 
ATOM   287 O O   . LYS A 1 40 ? -5.373  -3.484  -4.044  1.00 7.66  0  1308 LYS A O   1 
ATOM   288 C CB  . LYS A 1 40 ? -7.781  -2.747  -6.138  1.00 11.82 0  1308 LYS A CB  1 
ATOM   289 C CG  . LYS A 1 40 ? -8.549  -3.098  -7.403  1.00 16.61 0  1308 LYS A CG  1 
ATOM   290 C CD  . LYS A 1 40 ? -9.986  -2.606  -7.396  1.00 25.50 0  1308 LYS A CD  1 
ATOM   291 C CE  . LYS A 1 40 ? -10.206 -1.142  -7.026  1.00 41.47 0  1308 LYS A CE  1 
ATOM   292 N NZ  . LYS A 1 40 ? -9.289  -0.189  -7.721  1.00 57.82 1  1308 LYS A NZ  1 
ATOM   293 N N   . TYR A 1 41 ? -5.311  -1.378  -4.860  1.00 7.91  0  1309 TYR A N   1 
ATOM   294 C CA  . TYR A 1 41 ? -4.530  -0.803  -3.756  1.00 8.05  0  1309 TYR A CA  1 
ATOM   295 C C   . TYR A 1 41 ? -5.255  0.460   -3.248  1.00 7.24  0  1309 TYR A C   1 
ATOM   296 O O   . TYR A 1 41 ? -5.614  1.336   -4.065  1.00 8.49  0  1309 TYR A O   1 
ATOM   297 C CB  . TYR A 1 41 ? -3.138  -0.411  -4.217  1.00 7.77  0  1309 TYR A CB  1 
ATOM   298 C CG  . TYR A 1 41 ? -2.436  -1.530  -4.939  1.00 7.07  0  1309 TYR A CG  1 
ATOM   299 C CD1 . TYR A 1 41 ? -1.770  -2.532  -4.270  1.00 6.91  0  1309 TYR A CD1 1 
ATOM   300 C CD2 . TYR A 1 41 ? -2.496  -1.614  -6.310  1.00 7.55  0  1309 TYR A CD2 1 
ATOM   301 C CE1 . TYR A 1 41 ? -1.210  -3.617  -4.935  1.00 8.23  0  1309 TYR A CE1 1 
ATOM   302 C CE2 . TYR A 1 41 ? -1.930  -2.674  -6.996  1.00 7.61  0  1309 TYR A CE2 1 
ATOM   303 C CZ  . TYR A 1 41 ? -1.289  -3.679  -6.304  1.00 7.59  0  1309 TYR A CZ  1 
ATOM   304 O OH  . TYR A 1 41 ? -0.683  -4.744  -6.927  1.00 8.95  0  1309 TYR A OH  1 
ATOM   305 N N   . GLU A 1 42 ? -5.410  0.570   -1.948  1.00 8.03  0  1310 GLU A N   1 
ATOM   306 C CA  . GLU A 1 42 ? -6.023  1.791   -1.372  1.00 9.42  0  1310 GLU A CA  1 
ATOM   307 C C   . GLU A 1 42 ? -5.414  1.959   -0.005  1.00 9.01  0  1310 GLU A C   1 
ATOM   308 O O   . GLU A 1 42 ? -5.137  1.018   0.695   1.00 10.77 0  1310 GLU A O   1 
ATOM   309 C CB  . GLU A 1 42 ? -7.529  1.655   -1.301  1.00 10.28 0  1310 GLU A CB  1 
ATOM   310 C CG  . GLU A 1 42 ? -8.013  0.735   -0.264  1.00 16.21 0  1310 GLU A CG  1 
ATOM   311 C CD  . GLU A 1 42 ? -9.508  0.477   -0.221  1.00 25.42 0  1310 GLU A CD  1 
ATOM   312 O OE1 . GLU A 1 42 ? -10.322 1.345   -0.707  1.00 31.46 0  1310 GLU A OE1 1 
ATOM   313 O OE2 . GLU A 1 42 ? -9.859  -0.650  0.325   1.00 21.61 -1 1310 GLU A OE2 1 
ATOM   314 N N   . TRP A 1 43 ? -5.356  3.210   0.466   1.00 9.57  0  1311 TRP A N   1 
ATOM   315 C CA  . TRP A 1 43 ? -4.975  3.407   1.863   1.00 8.34  0  1311 TRP A CA  1 
ATOM   316 C C   . TRP A 1 43 ? -6.129  2.966   2.772   1.00 7.90  0  1311 TRP A C   1 
ATOM   317 O O   . TRP A 1 43 ? -7.283  3.255   2.479   1.00 9.25  0  1311 TRP A O   1 
ATOM   318 C CB  . TRP A 1 43 ? -4.645  4.876   2.099   1.00 9.44  0  1311 TRP A CB  1 
ATOM   319 C CG  . TRP A 1 43 ? -3.390  5.336   1.449   1.00 9.12  0  1311 TRP A CG  1 
ATOM   320 C CD1 . TRP A 1 43 ? -3.288  6.106   0.331   1.00 9.28  0  1311 TRP A CD1 1 
ATOM   321 C CD2 . TRP A 1 43 ? -2.044  5.015   1.843   1.00 9.56  0  1311 TRP A CD2 1 
ATOM   322 N NE1 . TRP A 1 43 ? -1.986  6.322   0.006   1.00 8.91  0  1311 TRP A NE1 1 
ATOM   323 C CE2 . TRP A 1 43 ? -1.196  5.631   0.902   1.00 9.67  0  1311 TRP A CE2 1 
ATOM   324 C CE3 . TRP A 1 43 ? -1.493  4.287   2.891   1.00 9.27  0  1311 TRP A CE3 1 
ATOM   325 C CZ2 . TRP A 1 43 ? 0.183   5.538   0.984   1.00 9.08  0  1311 TRP A CZ2 1 
ATOM   326 C CZ3 . TRP A 1 43 ? -0.128  4.186   2.958   1.00 10.53 0  1311 TRP A CZ3 1 
ATOM   327 C CH2 . TRP A 1 43 ? 0.692   4.805   2.019   1.00 9.62  0  1311 TRP A CH2 1 
ATOM   328 N N   . LYS A 1 44 ? -5.803  2.400   3.911   1.00 8.07  0  1312 LYS A N   1 
ATOM   329 C CA  . LYS A 1 44 ? -6.795  2.029   4.927   1.00 8.80  0  1312 LYS A CA  1 
ATOM   330 C C   . LYS A 1 44 ? -7.426  3.342   5.422   1.00 9.28  0  1312 LYS A C   1 
ATOM   331 O O   . LYS A 1 44 ? -8.636  3.453   5.562   1.00 12.79 0  1312 LYS A O   1 
ATOM   332 C CB  . LYS A 1 44 ? -6.112  1.253   6.061   1.00 9.43  0  1312 LYS A CB  1 
ATOM   333 C CG  . LYS A 1 44 ? -7.011  0.819   7.209   1.00 12.88 0  1312 LYS A CG  1 
ATOM   334 C CD  . LYS A 1 44 ? -6.333  -0.166  8.126   1.00 15.33 0  1312 LYS A CD  1 
ATOM   335 C CE  . LYS A 1 44 ? -7.200  -0.594  9.282   1.00 20.44 0  1312 LYS A CE  1 
ATOM   336 N NZ  . LYS A 1 44 ? -6.460  -1.463  10.215  1.00 30.19 1  1312 LYS A NZ  1 
ATOM   337 N N   . ASP A 1 45 ? -6.566  4.300   5.740   1.00 9.97  0  1313 ASP A N   1 
ATOM   338 C CA  . ASP A 1 45 ? -6.906  5.685   6.083   1.00 10.23 0  1313 ASP A CA  1 
ATOM   339 C C   . ASP A 1 45 ? -5.933  6.591   5.346   1.00 9.98  0  1313 ASP A C   1 
ATOM   340 O O   . ASP A 1 45 ? -4.780  6.238   5.195   1.00 11.38 0  1313 ASP A O   1 
ATOM   341 C CB  . ASP A 1 45 ? -6.887  5.921   7.600   1.00 13.46 0  1313 ASP A CB  1 
ATOM   342 C CG  . ASP A 1 45 ? -7.910  5.058   8.320   1.00 15.96 0  1313 ASP A CG  1 
ATOM   343 O OD1 . ASP A 1 45 ? -9.091  5.322   8.152   1.00 20.30 0  1313 ASP A OD1 1 
ATOM   344 O OD2 . ASP A 1 45 ? -7.505  4.072   8.973   1.00 19.79 -1 1313 ASP A OD2 1 
ATOM   345 N N   . PRO A 1 46 ? -6.367  7.790   4.912   1.00 14.07 0  1314 PRO A N   1 
ATOM   346 C CA  . PRO A 1 46 ? -5.453  8.635   4.143   1.00 16.84 0  1314 PRO A CA  1 
ATOM   347 C C   . PRO A 1 46 ? -4.255  9.012   5.023   1.00 14.86 0  1314 PRO A C   1 
ATOM   348 O O   . PRO A 1 46 ? -4.388  9.295   6.183   1.00 20.17 0  1314 PRO A O   1 
ATOM   349 C CB  . PRO A 1 46 ? -6.346  9.802   3.724   1.00 21.40 0  1314 PRO A CB  1 
ATOM   350 C CG  . PRO A 1 46 ? -7.513  9.798   4.662   1.00 24.07 0  1314 PRO A CG  1 
ATOM   351 C CD  . PRO A 1 46 ? -7.724  8.366   5.092   1.00 17.31 0  1314 PRO A CD  1 
ATOM   352 N N   . VAL A 1 47 ? -3.061  8.918   4.488   1.00 15.21 0  1315 VAL A N   1 
ATOM   353 C CA  . VAL A 1 47 ? -1.866  9.367   5.232   1.00 11.66 0  1315 VAL A CA  1 
ATOM   354 C C   . VAL A 1 47 ? -1.739  10.864  5.067   1.00 10.47 0  1315 VAL A C   1 
ATOM   355 O O   . VAL A 1 47 ? -1.778  11.330  3.932   1.00 11.06 0  1315 VAL A O   1 
ATOM   356 C CB  . VAL A 1 47 ? -0.638  8.626   4.716   1.00 15.21 0  1315 VAL A CB  1 
ATOM   357 C CG1 . VAL A 1 47 ? 0.617   9.041   5.405   1.00 14.67 0  1315 VAL A CG1 1 
ATOM   358 C CG2 . VAL A 1 47 ? -0.874  7.157   4.822   1.00 20.01 0  1315 VAL A CG2 1 
ATOM   359 N N   . ASP A 1 48 ? -1.526  11.575  6.164   1.00 9.79  0  1316 ASP A N   1 
ATOM   360 C CA  . ASP A 1 48 ? -1.407  13.029  6.066   1.00 9.90  0  1316 ASP A CA  1 
ATOM   361 C C   . ASP A 1 48 ? 0.038   13.387  5.724   1.00 9.58  0  1316 ASP A C   1 
ATOM   362 O O   . ASP A 1 48 ? 0.903   13.434  6.594   1.00 11.75 0  1316 ASP A O   1 
ATOM   363 C CB  . ASP A 1 48 ? -1.857  13.695  7.347   1.00 12.17 0  1316 ASP A CB  1 
ATOM   364 C CG  . ASP A 1 48 ? -1.746  15.211  7.296   1.00 11.46 0  1316 ASP A CG  1 
ATOM   365 O OD1 . ASP A 1 48 ? -1.325  15.747  6.287   1.00 13.04 0  1316 ASP A OD1 1 
ATOM   366 O OD2 . ASP A 1 48 ? -2.141  15.841  8.281   1.00 13.76 -1 1316 ASP A OD2 1 
ATOM   367 N N   . THR A 1 49 ? 0.291   13.618  4.459   1.00 8.20  0  1317 THR A N   1 
ATOM   368 C CA  . THR A 1 49 ? 1.615   13.990  3.928   1.00 8.02  0  1317 THR A CA  1 
ATOM   369 C C   . THR A 1 49 ? 1.757   15.468  3.649   1.00 9.29  0  1317 THR A C   1 
ATOM   370 O O   . THR A 1 49 ? 2.673   15.911  2.988   1.00 10.78 0  1317 THR A O   1 
ATOM   371 C CB  . THR A 1 49 ? 1.967   13.171  2.703   1.00 9.31  0  1317 THR A CB  1 
ATOM   372 O OG1 . THR A 1 49 ? 0.929   13.273  1.738   1.00 10.36 0  1317 THR A OG1 1 
ATOM   373 C CG2 . THR A 1 49 ? 2.112   11.697  3.025   1.00 10.16 0  1317 THR A CG2 1 
ATOM   374 N N   . THR A 1 50 ? 0.882   16.290  4.254   1.00 9.28  0  1318 THR A N   1 
ATOM   375 C CA  . THR A 1 50 ? 0.866   17.759  4.065   1.00 9.82  0  1318 THR A CA  1 
ATOM   376 C C   . THR A 1 50 ? 2.029   18.407  4.795   1.00 10.04 0  1318 THR A C   1 
ATOM   377 O O   . THR A 1 50 ? 2.349   19.581  4.479   1.00 9.54  0  1318 THR A O   1 
ATOM   378 C CB  . THR A 1 50 ? -0.458  18.416  4.440   1.00 10.73 0  1318 THR A CB  1 
ATOM   379 O OG1 . THR A 1 50 ? -0.674  18.282  5.847   1.00 12.41 0  1318 THR A OG1 1 
ATOM   380 C CG2 . THR A 1 50 ? -1.609  17.847  3.637   1.00 10.17 0  1318 THR A CG2 1 
ATOM   381 N N   . THR A 1 51 ? 2.622   17.753  5.784   1.00 10.35 0  1319 THR A N   1 
ATOM   382 C CA  . THR A 1 51 ? 3.755   18.288  6.521   1.00 10.45 0  1319 THR A CA  1 
ATOM   383 C C   . THR A 1 51 ? 4.897   17.288  6.555   1.00 11.20 0  1319 THR A C   1 
ATOM   384 O O   . THR A 1 51 ? 4.655   16.072  6.510   1.00 10.07 0  1319 THR A O   1 
ATOM   385 C CB  . THR A 1 51 ? 3.293   18.607  7.952   1.00 10.40 0  1319 THR A CB  1 
ATOM   386 O OG1 . THR A 1 51 ? 2.756   17.448  8.575   1.00 13.53 0  1319 THR A OG1 1 
ATOM   387 C CG2 . THR A 1 51 ? 2.228   19.663  8.014   1.00 13.39 0  1319 THR A CG2 1 
ATOM   388 N N   . PRO A 1 52 ? 6.138   17.776  6.708   1.00 12.48 0  1320 PRO A N   1 
ATOM   389 C CA  . PRO A 1 52 ? 7.266   16.853  6.772   1.00 11.40 0  1320 PRO A CA  1 
ATOM   390 C C   . PRO A 1 52 ? 7.172   15.871  7.944   1.00 10.44 0  1320 PRO A C   1 
ATOM   391 O O   . PRO A 1 52 ? 6.517   16.116  8.956   1.00 11.95 0  1320 PRO A O   1 
ATOM   392 C CB  . PRO A 1 52 ? 8.484   17.770  6.946   1.00 13.28 0  1320 PRO A CB  1 
ATOM   393 C CG  . PRO A 1 52 ? 8.044   19.146  6.418   1.00 15.45 0  1320 PRO A CG  1 
ATOM   394 C CD  . PRO A 1 52 ? 6.556   19.206  6.740   1.00 14.61 0  1320 PRO A CD  1 
ATOM   395 N N   . GLY A 1 53 ? 7.942   14.798  7.824   1.00 10.10 0  1321 GLY A N   1 
ATOM   396 C CA  . GLY A 1 53 ? 8.123   13.823  8.892   1.00 11.39 0  1321 GLY A CA  1 
ATOM   397 C C   . GLY A 1 53 ? 7.923   12.390  8.397   1.00 10.21 0  1321 GLY A C   1 
ATOM   398 O O   . GLY A 1 53 ? 7.443   12.187  7.281   1.00 10.76 0  1321 GLY A O   1 
ATOM   399 N N   . ASP A 1 54 ? 8.194   11.420  9.263   1.00 11.65 0  1322 ASP A N   1 
ATOM   400 C CA  . ASP A 1 54 ? 7.966   9.996   8.953   1.00 13.54 0  1322 ASP A CA  1 
ATOM   401 C C   . ASP A 1 54 ? 6.545   9.646   9.377   1.00 11.76 0  1322 ASP A C   1 
ATOM   402 O O   . ASP A 1 54 ? 6.231   9.760   10.565  1.00 18.55 0  1322 ASP A O   1 
ATOM   403 C CB  . ASP A 1 54 ? 8.984   9.102   9.650   1.00 17.12 0  1322 ASP A CB  1 
ATOM   404 C CG  . ASP A 1 54 ? 10.382  9.425   9.177   1.00 24.63 0  1322 ASP A CG  1 
ATOM   405 O OD1 . ASP A 1 54 ? 10.551  9.490   7.953   1.00 40.67 0  1322 ASP A OD1 1 
ATOM   406 O OD2 . ASP A 1 54 ? 11.275  9.630   10.037  1.00 44.98 -1 1322 ASP A OD2 1 
ATOM   407 N N   . LYS A 1 55 ? 5.705   9.333   8.416   1.00 10.24 0  1323 LYS A N   1 
ATOM   408 C CA  . LYS A 1 55 ? 4.318   8.912   8.635   1.00 10.37 0  1323 LYS A CA  1 
ATOM   409 C C   . LYS A 1 55 ? 4.263   7.388   8.524   1.00 10.61 0  1323 LYS A C   1 
ATOM   410 O O   . LYS A 1 55 ? 5.024   6.776   7.782   1.00 14.86 0  1323 LYS A O   1 
ATOM   411 C CB  . LYS A 1 55 ? 3.424   9.554   7.569   1.00 11.44 0  1323 LYS A CB  1 
ATOM   412 C CG  . LYS A 1 55 ? 3.730   11.005  7.199   1.00 11.07 0  1323 LYS A CG  1 
ATOM   413 C CD  . LYS A 1 55 ? 3.671   11.975  8.355   1.00 11.07 0  1323 LYS A CD  1 
ATOM   414 C CE  . LYS A 1 55 ? 4.113   13.341  7.921   1.00 11.36 0  1323 LYS A CE  1 
ATOM   415 N NZ  . LYS A 1 55 ? 3.946   14.349  8.967   1.00 11.69 1  1323 LYS A NZ  1 
ATOM   416 N N   . THR A 1 56 ? 3.295   6.843   9.209   1.00 10.72 0  1324 THR A N   1 
ATOM   417 C CA  . THR A 1 56 ? 2.974   5.417   9.178   1.00 10.69 0  1324 THR A CA  1 
ATOM   418 C C   . THR A 1 56 ? 1.606   5.289   8.563   1.00 11.13 0  1324 THR A C   1 
ATOM   419 O O   . THR A 1 56 ? 0.689   5.987   9.028   1.00 15.08 0  1324 THR A O   1 
ATOM   420 C CB  . THR A 1 56 ? 3.050   4.771   10.588  1.00 14.19 0  1324 THR A CB  1 
ATOM   421 O OG1 . THR A 1 56 ? 4.394   4.876   11.061  1.00 17.88 0  1324 THR A OG1 1 
ATOM   422 C CG2 . THR A 1 56 ? 2.613   3.331   10.635  1.00 17.02 0  1324 THR A CG2 1 
ATOM   423 N N   . GLY A 1 57 ? 1.420   4.461   7.565   1.00 10.62 0  1325 GLY A N   1 
ATOM   424 C CA  . GLY A 1 57 ? 0.090   4.133   7.017   1.00 11.18 0  1325 GLY A CA  1 
ATOM   425 C C   . GLY A 1 57 ? -0.019  2.688   6.600   1.00 9.85  0  1325 GLY A C   1 
ATOM   426 O O   . GLY A 1 57 ? 1.003   1.950   6.577   1.00 11.43 0  1325 GLY A O   1 
ATOM   427 N N   . THR A 1 58 ? -1.222  2.288   6.255   1.00 9.75  0  1326 THR A N   1 
ATOM   428 C CA  . THR A 1 58 ? -1.493  0.876   5.897   1.00 8.92  0  1326 THR A CA  1 
ATOM   429 C C   . THR A 1 58 ? -2.142  0.878   4.529   1.00 7.56  0  1326 THR A C   1 
ATOM   430 O O   . THR A 1 58 ? -3.132  1.585   4.316   1.00 8.84  0  1326 THR A O   1 
ATOM   431 C CB  . THR A 1 58 ? -2.368  0.240   6.968   1.00 9.89  0  1326 THR A CB  1 
ATOM   432 O OG1 . THR A 1 58 ? -1.587  0.155   8.149   1.00 12.08 0  1326 THR A OG1 1 
ATOM   433 C CG2 . THR A 1 58 ? -2.773  -1.150  6.572   1.00 9.31  0  1326 THR A CG2 1 
ATOM   434 N N   . ILE A 1 59 ? -1.623  0.020   3.667   1.00 8.42  0  1327 ILE A N   1 
ATOM   435 C CA  . ILE A 1 59 ? -2.220  -0.207  2.343   1.00 8.08  0  1327 ILE A CA  1 
ATOM   436 C C   . ILE A 1 59 ? -3.122  -1.431  2.407   1.00 6.57  0  1327 ILE A C   1 
ATOM   437 O O   . ILE A 1 59 ? -2.665  -2.519  2.842   1.00 8.27  0  1327 ILE A O   1 
ATOM   438 C CB  . ILE A 1 59 ? -1.090  -0.340  1.286   1.00 8.94  0  1327 ILE A CB  1 
ATOM   439 C CG1 . ILE A 1 59 ? -0.365  1.013   1.155   1.00 12.55 0  1327 ILE A CG1 1 
ATOM   440 C CG2 . ILE A 1 59 ? -1.717  -0.696  -0.040  1.00 8.77  0  1327 ILE A CG2 1 
ATOM   441 C CD1 . ILE A 1 59 ? 0.953   0.963   0.624   1.00 17.08 0  1327 ILE A CD1 1 
ATOM   442 N N   . VAL A 1 60 ? -4.324  -1.303  1.945   1.00 6.86  0  1328 VAL A N   1 
ATOM   443 C CA  . VAL A 1 60 ? -5.251  -2.428  1.741   1.00 6.60  0  1328 VAL A CA  1 
ATOM   444 C C   . VAL A 1 60 ? -5.041  -2.925  0.329   1.00 6.82  0  1328 VAL A C   1 
ATOM   445 O O   . VAL A 1 60 ? -5.254  -2.202  -0.648  1.00 7.33  0  1328 VAL A O   1 
ATOM   446 C CB  . VAL A 1 60 ? -6.706  -2.064  2.033   1.00 7.56  0  1328 VAL A CB  1 
ATOM   447 C CG1 . VAL A 1 60 ? -7.600  -3.282  1.821   1.00 8.47  0  1328 VAL A CG1 1 
ATOM   448 C CG2 . VAL A 1 60 ? -6.898  -1.462  3.399   1.00 8.65  0  1328 VAL A CG2 1 
ATOM   449 N N   . VAL A 1 61 ? -4.572  -4.175  0.239   1.00 7.02  0  1329 VAL A N   1 
ATOM   450 C CA  . VAL A 1 61 ? -4.396  -4.916  -1.032  1.00 6.73  0  1329 VAL A CA  1 
ATOM   451 C C   . VAL A 1 61 ? -5.665  -5.725  -1.207  1.00 6.93  0  1329 VAL A C   1 
ATOM   452 O O   . VAL A 1 61 ? -5.897  -6.620  -0.375  1.00 7.53  0  1329 VAL A O   1 
ATOM   453 C CB  . VAL A 1 61 ? -3.125  -5.758  -0.969  1.00 7.55  0  1329 VAL A CB  1 
ATOM   454 C CG1 . VAL A 1 61 ? -2.950  -6.610  -2.243  1.00 8.22  0  1329 VAL A CG1 1 
ATOM   455 C CG2 . VAL A 1 61 ? -1.880  -4.927  -0.698  1.00 7.99  0  1329 VAL A CG2 1 
ATOM   456 N N   . SER A 1 62 ? -6.440  -5.453  -2.232  1.00 7.21  0  1330 SER A N   1 
ATOM   457 C CA  . SER A 1 62 ? -7.692  -6.170  -2.473  1.00 7.61  0  1330 SER A CA  1 
ATOM   458 C C   . SER A 1 62 ? -7.536  -7.053  -3.701  1.00 6.62  0  1330 SER A C   1 
ATOM   459 O O   . SER A 1 62 ? -7.329  -6.530  -4.785  1.00 7.55  0  1330 SER A O   1 
ATOM   460 C CB  . SER A 1 62 ? -8.888  -5.240  -2.640  1.00 8.33  0  1330 SER A CB  1 
ATOM   461 O OG  . SER A 1 62 ? -9.119  -4.466  -1.494  1.00 9.73  0  1330 SER A OG  1 
ATOM   462 N N   . TYR A 1 63 ? -7.633  -8.346  -3.495  1.00 6.69  0  1331 TYR A N   1 
ATOM   463 C CA  . TYR A 1 63 ? -7.419  -9.310  -4.579  1.00 7.44  0  1331 TYR A CA  1 
ATOM   464 C C   . TYR A 1 63 ? -8.666  -9.465  -5.416  1.00 7.19  0  1331 TYR A C   1 
ATOM   465 O O   . TYR A 1 63 ? -9.752  -8.995  -5.042  1.00 8.23  0  1331 TYR A O   1 
ATOM   466 C CB  . TYR A 1 63 ? -7.057  -10.671 -3.992  1.00 8.71  0  1331 TYR A CB  1 
ATOM   467 C CG  . TYR A 1 63 ? -5.788  -10.585 -3.192  1.00 8.39  0  1331 TYR A CG  1 
ATOM   468 C CD1 . TYR A 1 63 ? -4.586  -10.411 -3.862  1.00 8.35  0  1331 TYR A CD1 1 
ATOM   469 C CD2 . TYR A 1 63 ? -5.766  -10.718 -1.818  1.00 8.71  0  1331 TYR A CD2 1 
ATOM   470 C CE1 . TYR A 1 63 ? -3.422  -10.303 -3.156  1.00 8.58  0  1331 TYR A CE1 1 
ATOM   471 C CE2 . TYR A 1 63 ? -4.585  -10.597 -1.115  1.00 8.80  0  1331 TYR A CE2 1 
ATOM   472 C CZ  . TYR A 1 63 ? -3.399  -10.404 -1.788  1.00 8.66  0  1331 TYR A CZ  1 
ATOM   473 O OH  . TYR A 1 63 ? -2.200  -10.359 -1.137  1.00 10.19 0  1331 TYR A OH  1 
ATOM   474 N N   . PRO A 1 64 ? -8.550  -10.069 -6.610  1.00 7.84  0  1332 PRO A N   1 
ATOM   475 C CA  . PRO A 1 64 ? -9.725  -10.220 -7.476  1.00 9.31  0  1332 PRO A CA  1 
ATOM   476 C C   . PRO A 1 64 ? -10.945 -10.905 -6.854  1.00 8.68  0  1332 PRO A C   1 
ATOM   477 O O   . PRO A 1 64 ? -12.066 -10.640 -7.258  1.00 10.33 0  1332 PRO A O   1 
ATOM   478 C CB  . PRO A 1 64 ? -9.169  -11.035 -8.659  1.00 10.84 0  1332 PRO A CB  1 
ATOM   479 C CG  . PRO A 1 64 ? -7.735  -10.587 -8.748  1.00 10.79 0  1332 PRO A CG  1 
ATOM   480 C CD  . PRO A 1 64 ? -7.312  -10.484 -7.305  1.00 9.44  0  1332 PRO A CD  1 
ATOM   481 N N   . ASP A 1 65 ? -10.694 -11.774 -5.885  1.00 7.53  0  1333 ASP A N   1 
ATOM   482 C CA  . ASP A 1 65 ? -11.798 -12.475 -5.174  1.00 7.90  0  1333 ASP A CA  1 
ATOM   483 C C   . ASP A 1 65 ? -12.428 -11.638 -4.044  1.00 8.41  0  1333 ASP A C   1 
ATOM   484 O O   . ASP A 1 65 ? -13.365 -12.159 -3.376  1.00 8.83  0  1333 ASP A O   1 
ATOM   485 C CB  . ASP A 1 65 ? -11.353 -13.853 -4.698  1.00 8.75  0  1333 ASP A CB  1 
ATOM   486 C CG  . ASP A 1 65 ? -10.400 -13.814 -3.547  1.00 7.47  0  1333 ASP A CG  1 
ATOM   487 O OD1 . ASP A 1 65 ? -9.850  -12.741 -3.184  1.00 7.81  0  1333 ASP A OD1 1 
ATOM   488 O OD2 . ASP A 1 65 ? -10.137 -14.946 -3.035  1.00 8.97  -1 1333 ASP A OD2 1 
ATOM   489 N N   . GLY A 1 66 ? -11.902 -10.458 -3.747  1.00 8.37  0  1334 GLY A N   1 
ATOM   490 C CA  . GLY A 1 66 ? -12.449 -9.650  -2.664  1.00 8.99  0  1334 GLY A CA  1 
ATOM   491 C C   . GLY A 1 66 ? -11.846 -9.885  -1.293  1.00 8.35  0  1334 GLY A C   1 
ATOM   492 O O   . GLY A 1 66 ? -12.214 -9.180  -0.352  1.00 8.41  0  1334 GLY A O   1 
ATOM   493 N N   . SER A 1 67 ? -10.978 -10.901 -1.173  1.00 7.85  0  1335 SER A N   1 
ATOM   494 C CA  . SER A 1 67 ? -10.162 -11.025 0.042   1.00 8.12  0  1335 SER A CA  1 
ATOM   495 C C   . SER A 1 67 ? -9.095  -9.911  0.057   1.00 8.32  0  1335 SER A C   1 
ATOM   496 O O   . SER A 1 67 ? -8.833  -9.322  -1.000  1.00 8.01  0  1335 SER A O   1 
ATOM   497 C CB  . SER A 1 67 ? -9.555  -12.428 0.146   1.00 7.85  0  1335 SER A CB  1 
ATOM   498 O OG  . SER A 1 67 ? -8.583  -12.682 -0.857  1.00 8.18  0  1335 SER A OG  1 
ATOM   499 N N   . THR A 1 68 ? -8.486  -9.682  1.201   1.00 8.41  0  1336 THR A N   1 
ATOM   500 C CA  . THR A 1 68 ? -7.570  -8.536  1.379   1.00 7.95  0  1336 THR A CA  1 
ATOM   501 C C   . THR A 1 68 ? -6.355  -8.893  2.221   1.00 7.75  0  1336 THR A C   1 
ATOM   502 O O   . THR A 1 68 ? -6.377  -9.864  3.011   1.00 10.30 0  1336 THR A O   1 
ATOM   503 C CB  . THR A 1 68 ? -8.244  -7.308  1.996   1.00 9.13  0  1336 THR A CB  1 
ATOM   504 O OG1 . THR A 1 68 ? -8.498  -7.576  3.384   1.00 11.23 0  1336 THR A OG1 1 
ATOM   505 C CG2 . THR A 1 68 ? -9.480  -6.863  1.235   1.00 8.94  0  1336 THR A CG2 1 
ATOM   506 N N   . ASP A 1 69 ? -5.301  -8.116  2.065   1.00 8.08  0  1337 ASP A N   1 
ATOM   507 C CA  . ASP A 1 69 ? -4.197  -8.014  3.019   1.00 8.94  0  1337 ASP A CA  1 
ATOM   508 C C   . ASP A 1 69 ? -4.043  -6.550  3.414   1.00 8.09  0  1337 ASP A C   1 
ATOM   509 O O   . ASP A 1 69 ? -4.374  -5.652  2.643   1.00 9.92  0  1337 ASP A O   1 
ATOM   510 C CB  . ASP A 1 69 ? -2.908  -8.561  2.416   1.00 10.95 0  1337 ASP A CB  1 
ATOM   511 C CG  . ASP A 1 69 ? -2.692  -10.035 2.540   1.00 12.49 0  1337 ASP A CG  1 
ATOM   512 O OD1 . ASP A 1 69 ? -2.764  -10.509 3.687   1.00 15.53 0  1337 ASP A OD1 1 
ATOM   513 O OD2 . ASP A 1 69 ? -2.383  -10.645 1.499   1.00 13.04 -1 1337 ASP A OD2 1 
ATOM   514 N N   . GLU A 1 70 ? -3.502  -6.310  4.592   1.00 8.28  0  1338 GLU A N   1 
ATOM   515 C CA  . GLU A 1 70 ? -3.226  -4.970  5.121   1.00 8.14  0  1338 GLU A CA  1 
ATOM   516 C C   . GLU A 1 70 ? -1.726  -4.863  5.387   1.00 7.92  0  1338 GLU A C   1 
ATOM   517 O O   . GLU A 1 70 ? -1.217  -5.625  6.208   1.00 11.20 0  1338 GLU A O   1 
ATOM   518 C CB  . GLU A 1 70 ? -4.019  -4.709  6.389   1.00 9.91  0  1338 GLU A CB  1 
ATOM   519 C CG  . GLU A 1 70 ? -5.505  -4.650  6.178   1.00 13.26 0  1338 GLU A CG  1 
ATOM   520 C CD  . GLU A 1 70 ? -6.260  -4.340  7.473   1.00 26.51 0  1338 GLU A CD  1 
ATOM   521 O OE1 . GLU A 1 70 ? -5.953  -5.038  8.503   1.00 40.51 0  1338 GLU A OE1 1 
ATOM   522 O OE2 . GLU A 1 70 ? -7.159  -3.435  7.495   1.00 32.31 -1 1338 GLU A OE2 1 
ATOM   523 N N   . ILE A 1 71 ? -1.038  -3.947  4.712   1.00 7.45  0  1339 ILE A N   1 
ATOM   524 C CA  . ILE A 1 71 ? 0.435   -3.865  4.758   1.00 7.86  0  1339 ILE A CA  1 
ATOM   525 C C   . ILE A 1 71 ? 0.844   -2.512  5.301   1.00 7.15  0  1339 ILE A C   1 
ATOM   526 O O   . ILE A 1 71 ? 0.477   -1.479  4.666   1.00 8.55  0  1339 ILE A O   1 
ATOM   527 C CB  . ILE A 1 71 ? 1.002   -4.099  3.351   1.00 8.30  0  1339 ILE A CB  1 
ATOM   528 C CG1 . ILE A 1 71 ? 0.511   -5.442  2.792   1.00 9.33  0  1339 ILE A CG1 1 
ATOM   529 C CG2 . ILE A 1 71 ? 2.511   -3.955  3.325   1.00 10.16 0  1339 ILE A CG2 1 
ATOM   530 C CD1 . ILE A 1 71 ? 0.892   -6.706  3.540   1.00 13.03 0  1339 ILE A CD1 1 
ATOM   531 N N   . GLN A 1 72 ? 1.569   -2.465  6.387   1.00 7.95  0  1340 GLN A N   1 
ATOM   532 C CA  . GLN A 1 72 ? 2.003   -1.158  6.921   1.00 8.21  0  1340 GLN A CA  1 
ATOM   533 C C   . GLN A 1 72 ? 3.279   -0.679  6.255   1.00 7.81  0  1340 GLN A C   1 
ATOM   534 O O   . GLN A 1 72 ? 4.181   -1.491  6.013   1.00 9.89  0  1340 GLN A O   1 
ATOM   535 C CB  . GLN A 1 72 ? 2.204   -1.290  8.426   1.00 8.61  0  1340 GLN A CB  1 
ATOM   536 C CG  . GLN A 1 72 ? 2.488   0.054   9.039   1.00 10.66 0  1340 GLN A CG  1 
ATOM   537 C CD  . GLN A 1 72 ? 2.463   0.039   10.562  1.00 11.37 0  1340 GLN A CD  1 
ATOM   538 O OE1 . GLN A 1 72 ? 3.415   -0.462  11.205  1.00 12.67 0  1340 GLN A OE1 1 
ATOM   539 N NE2 . GLN A 1 72 ? 1.369   0.509   11.149  1.00 12.92 0  1340 GLN A NE2 1 
ATOM   540 N N   . VAL A 1 73 ? 3.390   0.590   5.981   1.00 8.01  0  1341 VAL A N   1 
ATOM   541 C CA  . VAL A 1 73 ? 4.566   1.192   5.344   1.00 9.19  0  1341 VAL A CA  1 
ATOM   542 C C   . VAL A 1 73 ? 4.872   2.508   6.048   1.00 9.04  0  1341 VAL A C   1 
ATOM   543 O O   . VAL A 1 73 ? 3.987   3.108   6.718   1.00 10.82 0  1341 VAL A O   1 
ATOM   544 C CB  . VAL A 1 73 ? 4.303   1.418   3.847   1.00 12.44 0  1341 VAL A CB  1 
ATOM   545 C CG1 . VAL A 1 73 ? 4.049   0.156   3.085   1.00 14.60 0  1341 VAL A CG1 1 
ATOM   546 C CG2 . VAL A 1 73 ? 3.169   2.371   3.601   1.00 13.69 0  1341 VAL A CG2 1 
ATOM   547 N N   . THR A 1 74 ? 6.083   2.967   5.871   1.00 9.77  0  1342 THR A N   1 
ATOM   548 C CA  . THR A 1 74 ? 6.528   4.306   6.266   1.00 9.96  0  1342 THR A CA  1 
ATOM   549 C C   . THR A 1 74 ? 6.534   5.196   5.028   1.00 9.41  0  1342 THR A C   1 
ATOM   550 O O   . THR A 1 74 ? 6.995   4.788   3.952   1.00 11.08 0  1342 THR A O   1 
ATOM   551 C CB  . THR A 1 74 ? 7.891   4.336   6.945   1.00 16.15 0  1342 THR A CB  1 
ATOM   552 O OG1 . THR A 1 74 ? 7.750   3.518   8.100   1.00 18.59 0  1342 THR A OG1 1 
ATOM   553 C CG2 . THR A 1 74 ? 8.333   5.741   7.289   1.00 17.33 0  1342 THR A CG2 1 
ATOM   554 N N   . VAL A 1 75 ? 5.994   6.391   5.185   1.00 9.67  0  1343 VAL A N   1 
ATOM   555 C CA  . VAL A 1 75 ? 6.053   7.458   4.160   1.00 8.86  0  1343 VAL A CA  1 
ATOM   556 C C   . VAL A 1 75 ? 6.932   8.551   4.731   1.00 9.76  0  1343 VAL A C   1 
ATOM   557 O O   . VAL A 1 75 ? 6.513   9.206   5.699   1.00 11.67 0  1343 VAL A O   1 
ATOM   558 C CB  . VAL A 1 75 ? 4.685   7.980   3.766   1.00 10.65 0  1343 VAL A CB  1 
ATOM   559 C CG1 . VAL A 1 75 ? 4.820   9.027   2.695   1.00 11.40 0  1343 VAL A CG1 1 
ATOM   560 C CG2 . VAL A 1 75 ? 3.758   6.845   3.381   1.00 12.81 0  1343 VAL A CG2 1 
ATOM   561 N N   . LYS A 1 76 ? 8.090   8.764   4.130   1.00 10.43 0  1344 LYS A N   1 
ATOM   562 C CA  . LYS A 1 76 ? 9.038   9.778   4.566   1.00 10.39 0  1344 LYS A CA  1 
ATOM   563 C C   . LYS A 1 76 ? 8.724   11.047  3.768   1.00 11.11 0  1344 LYS A C   1 
ATOM   564 O O   . LYS A 1 76 ? 9.010   11.158  2.560   1.00 15.83 0  1344 LYS A O   1 
ATOM   565 C CB  . LYS A 1 76 ? 10.484  9.379   4.379   1.00 12.41 0  1344 LYS A CB  1 
ATOM   566 C CG  . LYS A 1 76 ? 11.423  10.522  4.732   1.00 16.80 0  1344 LYS A CG  1 
ATOM   567 C CD  . LYS A 1 76 ? 12.768  10.155  5.281   1.00 29.61 0  1344 LYS A CD  1 
ATOM   568 C CE  . LYS A 1 76 ? 13.433  11.411  5.812   1.00 37.71 0  1344 LYS A CE  1 
ATOM   569 N NZ  . LYS A 1 76 ? 12.766  11.923  7.047   1.00 43.28 1  1344 LYS A NZ  1 
ATOM   570 N N   . VAL A 1 77 ? 8.102   12.028  4.445   1.00 9.96  0  1345 VAL A N   1 
ATOM   571 C CA  . VAL A 1 77 ? 7.778   13.350  3.852   1.00 8.79  0  1345 VAL A CA  1 
ATOM   572 C C   . VAL A 1 77 ? 8.967   14.263  4.116   1.00 8.63  0  1345 VAL A C   1 
ATOM   573 O O   . VAL A 1 77 ? 9.306   14.513  5.245   1.00 8.64  0  1345 VAL A O   1 
ATOM   574 C CB  . VAL A 1 77 ? 6.473   13.929  4.385   1.00 8.40  0  1345 VAL A CB  1 
ATOM   575 C CG1 . VAL A 1 77 ? 6.167   15.198  3.616   1.00 8.47  0  1345 VAL A CG1 1 
ATOM   576 C CG2 . VAL A 1 77 ? 5.361   12.891  4.253   1.00 8.15  0  1345 VAL A CG2 1 
ATOM   577 N N   . THR A 1 78 ? 9.585   14.737  3.052   1.00 8.98  0  1346 THR A N   1 
ATOM   578 C CA  . THR A 1 78 ? 10.793  15.570  3.175   1.00 9.36  0  1346 THR A CA  1 
ATOM   579 C C   . THR A 1 78 ? 10.468  17.009  3.610   1.00 12.42 0  1346 THR A C   1 
ATOM   580 O O   . THR A 1 78 ? 9.286   17.402  3.532   1.00 12.15 0  1346 THR A O   1 
ATOM   581 C CB  . THR A 1 78 ? 11.587  15.478  1.887   1.00 10.55 0  1346 THR A CB  1 
ATOM   582 O OG1 . THR A 1 78 ? 10.727  15.855  0.820   1.00 13.00 0  1346 THR A OG1 1 
ATOM   583 C CG2 . THR A 1 78 ? 12.114  14.108  1.665   1.00 12.31 0  1346 THR A CG2 1 
ATOM   584 N N   . ASP A 1 79 ? 11.480  17.686  4.140   1.00 17.48 0  1347 ASP A N   1 
ATOM   585 C CA  . ASP A 1 79 ? 11.488  19.096  4.600   1.00 24.37 0  1347 ASP A CA  1 
ATOM   586 C C   . ASP A 1 79 ? 12.015  19.921  3.406   1.00 33.71 0  1347 ASP A C   1 
ATOM   587 O O   . ASP A 1 79 ? 11.554  19.812  2.240   1.00 38.49 0  1347 ASP A O   1 
ATOM   588 C CB  . ASP A 1 79 ? 12.492  19.268  5.745   1.00 27.53 0  1347 ASP A CB  1 
ATOM   589 C CG  . ASP A 1 79 ? 12.495  18.233  6.869   1.00 28.72 0  1347 ASP A CG  1 
ATOM   590 O OD1 . ASP A 1 79 ? 13.607  17.797  7.274   1.00 47.06 0  1347 ASP A OD1 1 
ATOM   591 O OD2 . ASP A 1 79 ? 11.416  17.902  7.385   1.00 49.44 -1 1347 ASP A OD2 1 
HETATM 592 O O   . HOH B 2 .  ? 8.717   -6.782  -12.365 1.00 40.39 0  1401 HOH A O   1 
HETATM 593 O O   . HOH B 2 .  ? 5.367   -1.970  10.551  1.00 28.66 0  1402 HOH A O   1 
HETATM 594 O O   . HOH B 2 .  ? 1.303   14.528  -3.118  1.00 27.85 0  1403 HOH A O   1 
HETATM 595 O O   . HOH B 2 .  ? -1.556  -13.040 2.545   1.00 13.54 0  1404 HOH A O   1 
HETATM 596 O O   . HOH B 2 .  ? -7.804  -2.237  -1.955  1.00 13.94 0  1405 HOH A O   1 
HETATM 597 O O   . HOH B 2 .  ? -9.240  -14.795 -7.664  1.00 22.69 0  1406 HOH A O   1 
HETATM 598 O O   . HOH B 2 .  ? -10.899 -8.310  4.174   1.00 12.75 0  1407 HOH A O   1 
HETATM 599 O O   . HOH B 2 .  ? -3.841  17.848  8.108   1.00 28.20 0  1408 HOH A O   1 
HETATM 600 O O   . HOH B 2 .  ? 7.338   5.939   -4.629  1.00 29.63 0  1409 HOH A O   1 
HETATM 601 O O   . HOH B 2 .  ? -4.453  -3.075  9.550   1.00 24.55 0  1410 HOH A O   1 
HETATM 602 O O   . HOH B 2 .  ? -4.456  -16.057 -8.665  1.00 11.16 0  1411 HOH A O   1 
HETATM 603 O O   . HOH B 2 .  ? -9.445  -19.733 3.787   1.00 30.58 0  1412 HOH A O   1 
HETATM 604 O O   . HOH B 2 .  ? -0.195  -7.641  -13.294 1.00 15.54 0  1413 HOH A O   1 
HETATM 605 O O   . HOH B 2 .  ? 1.161   14.384  9.085   1.00 18.85 0  1414 HOH A O   1 
HETATM 606 O O   . HOH B 2 .  ? -11.594 -4.392  -0.466  1.00 17.43 0  1415 HOH A O   1 
HETATM 607 O O   . HOH B 2 .  ? 2.994   -15.899 -1.401  1.00 26.14 0  1416 HOH A O   1 
HETATM 608 O O   . HOH B 2 .  ? -1.287  20.499  7.255   1.00 13.94 0  1417 HOH A O   1 
HETATM 609 O O   . HOH B 2 .  ? -4.620  -2.080  -9.663  1.00 14.96 0  1418 HOH A O   1 
HETATM 610 O O   . HOH B 2 .  ? 7.432   2.470   -4.927  1.00 26.56 0  1419 HOH A O   1 
HETATM 611 O O   . HOH B 2 .  ? -0.699  -4.542  -9.636  1.00 11.74 0  1420 HOH A O   1 
HETATM 612 O O   . HOH B 2 .  ? 4.173   -8.526  4.153   1.00 15.83 0  1421 HOH A O   1 
HETATM 613 O O   . HOH B 2 .  ? 3.576   -14.521 -8.777  1.00 25.16 0  1422 HOH A O   1 
HETATM 614 O O   . HOH B 2 .  ? 4.695   -4.117  6.502   1.00 19.32 0  1423 HOH A O   1 
HETATM 615 O O   . HOH B 2 .  ? -11.109 2.595   6.324   1.00 19.80 0  1424 HOH A O   1 
HETATM 616 O O   . HOH B 2 .  ? -2.638  -8.786  5.801   1.00 19.61 0  1425 HOH A O   1 
HETATM 617 O O   . HOH B 2 .  ? -6.243  -17.535 -7.223  1.00 14.25 0  1426 HOH A O   1 
HETATM 618 O O   . HOH B 2 .  ? -11.713 -22.613 3.451   1.00 13.85 0  1427 HOH A O   1 
HETATM 619 O O   . HOH B 2 .  ? 9.287   -5.049  2.934   1.00 28.83 0  1428 HOH A O   1 
HETATM 620 O O   . HOH B 2 .  ? 9.923   -3.697  -0.799  1.00 40.45 0  1429 HOH A O   1 
HETATM 621 O O   . HOH B 2 .  ? 2.234   13.364  -2.579  1.00 30.83 0  1430 HOH A O   1 
HETATM 622 O O   . HOH B 2 .  ? -5.627  -12.241 -12.445 1.00 19.65 0  1431 HOH A O   1 
HETATM 623 O O   . HOH B 2 .  ? -13.491 -6.690  -0.740  1.00 21.66 0  1432 HOH A O   1 
HETATM 624 O O   . HOH B 2 .  ? -2.060  -11.533 -15.782 1.00 15.56 0  1433 HOH A O   1 
HETATM 625 O O   . HOH B 2 .  ? -0.093  -7.107  -10.513 1.00 22.52 0  1434 HOH A O   1 
HETATM 626 O O   . HOH B 2 .  ? -9.687  1.759   2.590   1.00 21.52 0  1435 HOH A O   1 
HETATM 627 O O   . HOH B 2 .  ? 5.901   -6.201  4.216   1.00 28.24 0  1436 HOH A O   1 
HETATM 628 O O   . HOH B 2 .  ? -8.748  -17.435 4.834   1.00 24.38 0  1437 HOH A O   1 
HETATM 629 O O   . HOH B 2 .  ? 1.796   10.077  -5.599  1.00 13.16 0  1438 HOH A O   1 
HETATM 630 O O   . HOH B 2 .  ? -0.174  -8.190  6.905   1.00 27.68 0  1439 HOH A O   1 
HETATM 631 O O   . HOH B 2 .  ? -10.397 -27.807 0.582   1.00 24.84 0  1440 HOH A O   1 
HETATM 632 O O   . HOH B 2 .  ? -8.292  5.927   2.801   1.00 26.03 0  1441 HOH A O   1 
HETATM 633 O O   . HOH B 2 .  ? -3.408  4.168   6.673   1.00 17.52 0  1442 HOH A O   1 
HETATM 634 O O   . HOH B 2 .  ? 4.164   21.704  5.341   1.00 31.36 0  1443 HOH A O   1 
HETATM 635 O O   . HOH B 2 .  ? 10.326  21.292  4.459   1.00 36.79 0  1444 HOH A O   1 
HETATM 636 O O   . HOH B 2 .  ? -8.408  -23.594 -3.208  1.00 39.16 0  1445 HOH A O   1 
HETATM 637 O O   . HOH B 2 .  ? 6.106   -3.276  -7.120  1.00 9.88  0  1446 HOH A O   1 
HETATM 638 O O   . HOH B 2 .  ? 5.376   13.385  11.373  1.00 22.07 0  1447 HOH A O   1 
HETATM 639 O O   . HOH B 2 .  ? -1.735  14.542  2.500   1.00 19.20 0  1448 HOH A O   1 
HETATM 640 O O   . HOH B 2 .  ? -6.976  -22.572 -5.306  1.00 29.35 0  1449 HOH A O   1 
HETATM 641 O O   . HOH B 2 .  ? -8.164  -18.334 -4.617  1.00 15.26 0  1450 HOH A O   1 
HETATM 642 O O   . HOH B 2 .  ? 9.240   12.285  11.922  1.00 29.11 0  1451 HOH A O   1 
HETATM 643 O O   . HOH B 2 .  ? -0.999  2.481   9.955   1.00 10.41 0  1452 HOH A O   1 
HETATM 644 O O   . HOH B 2 .  ? 5.651   3.296   13.285  1.00 27.22 0  1453 HOH A O   1 
HETATM 645 O O   . HOH B 2 .  ? 3.016   -12.745 -3.512  1.00 17.77 0  1454 HOH A O   1 
HETATM 646 O O   . HOH B 2 .  ? 9.645   6.660   -3.056  1.00 15.73 0  1455 HOH A O   1 
HETATM 647 O O   . HOH B 2 .  ? 3.422   -14.244 -2.842  1.00 31.81 0  1456 HOH A O   1 
HETATM 648 O O   . HOH B 2 .  ? -6.461  -14.046 -8.553  1.00 19.19 0  1457 HOH A O   1 
HETATM 649 O O   . HOH B 2 .  ? 0.413   8.445   -9.873  1.00 21.47 0  1458 HOH A O   1 
HETATM 650 O O   . HOH B 2 .  ? 1.667   8.902   10.805  1.00 24.90 0  1459 HOH A O   1 
HETATM 651 O O   . HOH B 2 .  ? -0.852  10.371  8.945   1.00 16.60 0  1460 HOH A O   1 
HETATM 652 O O   . HOH B 2 .  ? 7.911   -11.416 -3.673  1.00 25.24 0  1461 HOH A O   1 
HETATM 653 O O   . HOH B 2 .  ? 6.363   13.692  -4.062  1.00 24.55 0  1462 HOH A O   1 
HETATM 654 O O   . HOH B 2 .  ? 11.299  -0.388  1.794   1.00 25.43 0  1463 HOH A O   1 
HETATM 655 O O   . HOH B 2 .  ? -9.202  -14.576 3.543   1.00 12.71 0  1464 HOH A O   1 
HETATM 656 O O   . HOH B 2 .  ? -5.202  13.974  -0.403  1.00 26.57 0  1465 HOH A O   1 
HETATM 657 O O   . HOH B 2 .  ? 2.237   -5.332  7.711   1.00 9.24  0  1466 HOH A O   1 
HETATM 658 O O   . HOH B 2 .  ? 4.849   -3.461  -11.103 1.00 25.02 0  1467 HOH A O   1 
HETATM 659 O O   . HOH B 2 .  ? 11.971  23.227  2.969   1.00 59.81 0  1468 HOH A O   1 
HETATM 660 O O   . HOH B 2 .  ? 14.923  21.093  2.415   1.00 31.68 0  1469 HOH A O   1 
HETATM 661 O O   . HOH B 2 .  ? -11.545 -13.856 -8.820  1.00 24.72 0  1470 HOH A O   1 
HETATM 662 O O   . HOH B 2 .  ? -9.099  -0.434  -3.771  1.00 19.22 0  1471 HOH A O   1 
HETATM 663 O O   . HOH B 2 .  ? -12.042 -25.755 3.054   1.00 16.13 0  1472 HOH A O   1 
HETATM 664 O O   . HOH B 2 .  ? 2.693   11.206  12.196  1.00 28.27 0  1473 HOH A O   1 
HETATM 665 O O   . HOH B 2 .  ? 1.860   23.665  5.370   1.00 33.51 0  1474 HOH A O   1 
HETATM 666 O O   . HOH B 2 .  ? -8.667  11.879  1.474   1.00 40.47 0  1475 HOH A O   1 
# 
